data_8AFZ
#
_entry.id   8AFZ
#
_cell.length_a   1.00
_cell.length_b   1.00
_cell.length_c   1.00
_cell.angle_alpha   90.00
_cell.angle_beta   90.00
_cell.angle_gamma   90.00
#
_symmetry.space_group_name_H-M   'P 1'
#
loop_
_entity.id
_entity.type
_entity.pdbx_description
1 polymer 'Sorting nexin-1'
2 polymer 'Sorting nexin-5'
3 polymer 'Cation-independent mannose-6-phosphate receptor'
#
loop_
_entity_poly.entity_id
_entity_poly.type
_entity_poly.pdbx_seq_one_letter_code
_entity_poly.pdbx_strand_id
1 'polypeptide(L)'
;MASGGGGCSASERLPPPFPGLEPESEGAAGGSEPEAGDSDTEGEDIFTGAAVVSKHQSPKITTSLLPINNGSKENGIHEE
QDQEPQDLFADATVELSLDSTQNNQKKVLAKTLISLPPQEATNSSKPQPTYEELEEEEQEDQFDLTVGITDPEKIGDGMN
AYVAYKVTTQTSLPLFRSKQFAVKRRFSDFLGLYEKLSEKHSQNGFIVPPPPEKSLIGMTKVKVGKEDSSSAEFLEKRRA
ALERYLQRIVNHPTMLQDPDVREFLEKEELPRAVGTQTLSGAGLLKMFNKATDAVSKMTIKMNESDIWFEEKLQEVECEE
QRLRKLHAVVETLVNHRKELALNTAQFAKSLAMLGSSEDNTALSRALSQLAEVEEKIEQLHQEQANNDFFLLAELLSDYI
RLLAIVRAAFDQRMKTWQRWQDAQATLQKKREAEARLLWANKPDKLQQAKDEILEWESRVTQYERDFERISTVVRKEVIR
FEKEKSKDFKNHVIKYLETLLYSQQQLAKYWEAFLPEAKAIS
;
A
2 'polypeptide(L)'
;MAAVPELLQQQEEDRSKLRSVSVDLNVDPSLQIDIPDALSERDKVKFTVHTKTTLPTFQSPEFSVTRQHEDFVWLHDTLI
ETTDYAGLIIPPAPTKPDFDGPREKMQKLGEGEGSMTKEEFAKMKQELEAEYLAVFKKTVSSHEVFLQRLSSHPVLSKDR
NFHVFLEYDQDLSVRRKNTKEMFGGFFKSVVKSADEVLFTGVKEVDDFFEQEKNFLINYYNRIKDSCVKADKMTRSHKNV
ADDYIHTAACLHSLALEEPTVIKKYLLKVAELFEKLRKVEGRVSSDEDLKLTELLRYYMLNIEAAKDLLYRRTKALIDYE
NSNKALDKARLKSKDVKLAEAHQQECCQKFEQLSESAKEELINFKRKRVAAFRKNLIEMSELEIKHARNNVSLLQSCIDL
FKNN
;
B
3 'polypeptide(L)' SNVSYKYSKVNKEEETDENETEWLMEEIQLP C
#
# COMPACT_ATOMS: atom_id res chain seq x y z
N GLN A 142 0.16 -3.10 42.52
CA GLN A 142 1.40 -2.60 41.99
C GLN A 142 2.55 -3.20 42.79
N PHE A 143 3.19 -4.18 42.17
CA PHE A 143 4.41 -4.79 42.69
C PHE A 143 5.62 -4.04 42.16
N ASP A 144 6.59 -3.75 43.02
CA ASP A 144 7.90 -3.23 42.59
C ASP A 144 8.74 -4.38 42.00
N LEU A 145 8.36 -4.78 40.79
CA LEU A 145 9.02 -5.79 39.99
C LEU A 145 8.87 -5.45 38.50
N THR A 146 10.00 -5.34 37.81
CA THR A 146 10.07 -5.14 36.37
C THR A 146 10.82 -6.29 35.73
N VAL A 147 10.24 -6.86 34.67
CA VAL A 147 10.88 -7.86 33.82
C VAL A 147 11.14 -7.29 32.44
N GLY A 148 12.33 -7.59 31.91
CA GLY A 148 12.73 -7.28 30.55
C GLY A 148 13.25 -8.52 29.83
N ILE A 149 13.02 -8.62 28.53
CA ILE A 149 13.51 -9.72 27.70
C ILE A 149 14.35 -9.14 26.56
N THR A 150 15.62 -9.52 26.50
CA THR A 150 16.60 -9.03 25.52
C THR A 150 17.45 -10.17 24.95
N ASP A 151 18.40 -9.83 24.09
CA ASP A 151 19.50 -10.68 23.63
C ASP A 151 19.05 -12.06 23.09
N PRO A 152 18.26 -12.12 22.00
CA PRO A 152 17.92 -13.40 21.37
C PRO A 152 19.19 -14.04 20.82
N GLU A 153 19.58 -15.19 21.38
CA GLU A 153 20.82 -15.88 21.07
C GLU A 153 20.53 -17.30 20.58
N LYS A 154 21.09 -17.69 19.43
CA LYS A 154 21.04 -19.06 18.94
C LYS A 154 22.03 -19.92 19.73
N ILE A 155 21.53 -20.94 20.41
CA ILE A 155 22.30 -21.90 21.19
C ILE A 155 22.29 -23.27 20.48
N GLY A 156 23.47 -23.86 20.36
CA GLY A 156 23.68 -25.17 19.73
C GLY A 156 23.66 -25.12 18.21
N ASP A 157 23.80 -26.28 17.59
CA ASP A 157 23.89 -26.43 16.14
C ASP A 157 22.98 -27.56 15.61
N GLY A 158 22.70 -27.54 14.30
CA GLY A 158 21.86 -28.53 13.62
C GLY A 158 20.42 -28.59 14.12
N MET A 159 19.84 -29.81 14.17
CA MET A 159 18.42 -30.02 14.52
C MET A 159 18.08 -29.63 15.97
N ASN A 160 19.07 -29.66 16.87
CA ASN A 160 18.94 -29.36 18.29
C ASN A 160 19.13 -27.87 18.61
N ALA A 161 19.49 -27.04 17.63
CA ALA A 161 19.62 -25.60 17.82
C ALA A 161 18.28 -24.97 18.25
N TYR A 162 18.37 -24.01 19.17
CA TYR A 162 17.23 -23.24 19.67
C TYR A 162 17.64 -21.80 19.97
N VAL A 163 16.66 -20.91 20.12
CA VAL A 163 16.90 -19.53 20.54
C VAL A 163 16.58 -19.38 22.02
N ALA A 164 17.55 -18.87 22.77
CA ALA A 164 17.37 -18.42 24.14
C ALA A 164 17.23 -16.90 24.19
N TYR A 165 16.49 -16.43 25.18
CA TYR A 165 16.26 -15.04 25.47
C TYR A 165 16.79 -14.76 26.88
N LYS A 166 17.44 -13.62 27.06
CA LYS A 166 17.86 -13.16 28.37
C LYS A 166 16.68 -12.49 29.06
N VAL A 167 16.18 -13.13 30.11
CA VAL A 167 15.14 -12.60 30.99
C VAL A 167 15.84 -11.89 32.14
N THR A 168 15.72 -10.56 32.20
CA THR A 168 16.25 -9.73 33.27
C THR A 168 15.11 -9.36 34.21
N THR A 169 15.34 -9.45 35.52
CA THR A 169 14.37 -9.07 36.54
C THR A 169 15.00 -8.09 37.50
N GLN A 170 14.26 -7.02 37.81
CA GLN A 170 14.61 -6.04 38.82
C GLN A 170 13.44 -5.90 39.80
N THR A 171 13.69 -6.00 41.09
CA THR A 171 12.64 -5.99 42.11
C THR A 171 13.16 -5.60 43.49
N SER A 172 12.30 -5.02 44.33
CA SER A 172 12.56 -4.85 45.77
C SER A 172 11.86 -5.89 46.65
N LEU A 173 11.11 -6.83 46.05
CA LEU A 173 10.33 -7.81 46.78
C LEU A 173 11.23 -8.81 47.51
N PRO A 174 10.98 -9.09 48.80
CA PRO A 174 11.81 -9.99 49.61
C PRO A 174 11.67 -11.47 49.23
N LEU A 175 10.75 -11.80 48.32
CA LEU A 175 10.54 -13.17 47.83
C LEU A 175 11.60 -13.63 46.82
N PHE A 176 12.46 -12.70 46.36
CA PHE A 176 13.59 -12.97 45.47
C PHE A 176 14.92 -12.84 46.24
N ARG A 177 15.95 -13.59 45.85
CA ARG A 177 17.22 -13.59 46.63
C ARG A 177 18.07 -12.36 46.31
N SER A 178 17.89 -11.76 45.13
CA SER A 178 18.65 -10.61 44.67
C SER A 178 17.72 -9.56 44.09
N LYS A 179 18.08 -8.29 44.22
CA LYS A 179 17.28 -7.17 43.68
C LYS A 179 17.35 -7.06 42.16
N GLN A 180 18.39 -7.63 41.56
CA GLN A 180 18.58 -7.66 40.12
C GLN A 180 19.29 -8.96 39.73
N PHE A 181 18.76 -9.65 38.74
CA PHE A 181 19.32 -10.88 38.21
C PHE A 181 18.85 -11.11 36.78
N ALA A 182 19.52 -12.02 36.07
CA ALA A 182 19.12 -12.40 34.73
C ALA A 182 19.35 -13.90 34.49
N VAL A 183 18.47 -14.52 33.72
CA VAL A 183 18.53 -15.94 33.34
C VAL A 183 18.28 -16.10 31.85
N LYS A 184 18.80 -17.18 31.25
CA LYS A 184 18.50 -17.53 29.86
C LYS A 184 17.31 -18.49 29.80
N ARG A 185 16.35 -18.18 28.92
CA ARG A 185 15.14 -19.03 28.79
C ARG A 185 14.79 -19.23 27.31
N ARG A 186 14.50 -20.47 26.91
CA ARG A 186 14.10 -20.78 25.52
C ARG A 186 12.57 -20.67 25.43
N PHE A 187 12.03 -20.47 24.23
CA PHE A 187 10.60 -20.31 24.02
C PHE A 187 9.73 -21.42 24.66
N SER A 188 10.17 -22.68 24.60
CA SER A 188 9.43 -23.79 25.22
C SER A 188 9.40 -23.75 26.76
N ASP A 189 10.30 -23.02 27.41
CA ASP A 189 10.29 -22.87 28.86
C ASP A 189 9.12 -21.97 29.28
N PHE A 190 8.83 -20.93 28.49
CA PHE A 190 7.63 -20.09 28.67
C PHE A 190 6.34 -20.90 28.48
N LEU A 191 6.34 -21.84 27.52
CA LEU A 191 5.21 -22.75 27.35
C LEU A 191 5.04 -23.69 28.54
N GLY A 192 6.15 -24.21 29.08
CA GLY A 192 6.12 -25.04 30.29
C GLY A 192 5.63 -24.27 31.51
N LEU A 193 6.02 -22.99 31.65
CA LEU A 193 5.48 -22.12 32.70
C LEU A 193 3.96 -21.97 32.56
N TYR A 194 3.48 -21.64 31.36
CA TYR A 194 2.04 -21.51 31.10
C TYR A 194 1.27 -22.81 31.39
N GLU A 195 1.81 -23.97 31.01
CA GLU A 195 1.19 -25.27 31.27
C GLU A 195 0.97 -25.49 32.77
N LYS A 196 2.02 -25.31 33.58
CA LYS A 196 1.97 -25.48 35.04
C LYS A 196 1.02 -24.49 35.70
N LEU A 197 1.06 -23.21 35.30
CA LEU A 197 0.16 -22.20 35.85
C LEU A 197 -1.30 -22.47 35.47
N SER A 198 -1.55 -22.88 34.22
CA SER A 198 -2.90 -23.17 33.76
C SER A 198 -3.50 -24.39 34.46
N GLU A 199 -2.72 -25.45 34.68
CA GLU A 199 -3.14 -26.63 35.43
C GLU A 199 -3.53 -26.29 36.88
N LYS A 200 -2.75 -25.44 37.55
CA LYS A 200 -3.02 -25.04 38.95
C LYS A 200 -4.17 -24.05 39.08
N HIS A 201 -4.22 -23.03 38.21
CA HIS A 201 -5.02 -21.83 38.44
C HIS A 201 -6.26 -21.74 37.54
N SER A 202 -6.19 -22.16 36.26
CA SER A 202 -7.31 -21.98 35.33
C SER A 202 -8.57 -22.75 35.74
N GLN A 203 -8.42 -23.95 36.30
CA GLN A 203 -9.55 -24.74 36.81
C GLN A 203 -10.26 -24.10 38.00
N ASN A 204 -9.60 -23.16 38.68
CA ASN A 204 -10.13 -22.42 39.82
C ASN A 204 -10.70 -21.04 39.41
N GLY A 205 -10.76 -20.74 38.11
CA GLY A 205 -11.34 -19.49 37.58
C GLY A 205 -10.36 -18.34 37.36
N PHE A 206 -9.06 -18.55 37.58
CA PHE A 206 -8.03 -17.52 37.33
C PHE A 206 -7.80 -17.29 35.84
N ILE A 207 -7.66 -16.03 35.42
CA ILE A 207 -7.30 -15.67 34.05
C ILE A 207 -5.78 -15.75 33.92
N VAL A 208 -5.28 -16.87 33.42
CA VAL A 208 -3.84 -17.07 33.17
C VAL A 208 -3.46 -16.53 31.78
N PRO A 209 -2.67 -15.45 31.65
CA PRO A 209 -2.24 -14.90 30.38
C PRO A 209 -1.62 -15.99 29.48
N PRO A 210 -1.98 -16.07 28.20
CA PRO A 210 -1.38 -17.04 27.29
C PRO A 210 -0.06 -16.48 26.70
N PRO A 211 0.96 -17.34 26.50
CA PRO A 211 2.16 -16.94 25.78
C PRO A 211 1.87 -16.71 24.28
N PRO A 212 2.75 -16.04 23.54
CA PRO A 212 2.60 -15.86 22.10
C PRO A 212 2.59 -17.20 21.36
N GLU A 213 1.92 -17.21 20.20
CA GLU A 213 1.72 -18.44 19.44
C GLU A 213 3.02 -19.06 18.90
N LYS A 214 2.99 -20.39 18.74
CA LYS A 214 4.05 -21.14 18.07
C LYS A 214 4.07 -20.84 16.58
N SER A 215 4.90 -19.87 16.15
CA SER A 215 5.23 -19.70 14.73
C SER A 215 6.21 -20.78 14.26
N LEU A 216 5.70 -21.79 13.54
CA LEU A 216 6.52 -22.81 12.87
C LEU A 216 7.39 -22.20 11.77
N ILE A 217 6.81 -21.27 11.00
CA ILE A 217 7.47 -20.60 9.87
C ILE A 217 8.69 -19.81 10.36
N GLY A 218 8.55 -19.05 11.44
CA GLY A 218 9.68 -18.31 12.01
C GLY A 218 10.75 -19.21 12.61
N MET A 219 10.37 -20.36 13.20
CA MET A 219 11.35 -21.34 13.70
C MET A 219 12.18 -21.95 12.57
N THR A 220 11.55 -22.29 11.44
CA THR A 220 12.27 -22.82 10.27
C THR A 220 13.24 -21.78 9.73
N LYS A 221 12.84 -20.51 9.61
CA LYS A 221 13.71 -19.41 9.14
C LYS A 221 14.97 -19.25 9.98
N VAL A 222 14.86 -19.28 11.30
CA VAL A 222 16.03 -19.15 12.20
C VAL A 222 16.91 -20.41 12.16
N LYS A 223 16.34 -21.59 11.92
CA LYS A 223 17.09 -22.84 11.84
C LYS A 223 17.87 -23.01 10.54
N VAL A 224 17.35 -22.56 9.40
CA VAL A 224 18.01 -22.72 8.09
C VAL A 224 19.21 -21.78 7.87
N GLY A 225 19.59 -20.98 8.87
CA GLY A 225 20.89 -20.29 8.90
C GLY A 225 21.03 -19.10 7.96
N LYS A 226 19.95 -18.73 7.27
CA LYS A 226 19.98 -17.61 6.33
C LYS A 226 19.95 -16.27 7.06
N GLU A 227 21.12 -15.82 7.52
CA GLU A 227 21.23 -14.54 8.22
C GLU A 227 20.69 -13.41 7.35
N ASP A 228 19.43 -13.07 7.56
CA ASP A 228 18.79 -12.01 6.78
C ASP A 228 18.07 -11.00 7.67
N SER A 229 17.13 -10.27 7.09
CA SER A 229 16.34 -9.25 7.81
C SER A 229 15.02 -9.79 8.39
N SER A 230 14.38 -10.74 7.69
CA SER A 230 13.13 -11.36 8.14
C SER A 230 13.28 -12.25 9.39
N SER A 231 14.47 -12.78 9.66
CA SER A 231 14.76 -13.57 10.86
C SER A 231 14.89 -12.67 12.09
N ALA A 232 15.59 -11.54 11.95
CA ALA A 232 15.73 -10.53 12.99
C ALA A 232 14.36 -9.92 13.36
N GLU A 233 13.55 -9.55 12.36
CA GLU A 233 12.17 -9.09 12.60
C GLU A 233 11.36 -10.12 13.40
N PHE A 234 11.44 -11.40 13.01
CA PHE A 234 10.72 -12.46 13.71
C PHE A 234 11.16 -12.61 15.17
N LEU A 235 12.46 -12.59 15.43
CA LEU A 235 13.01 -12.71 16.78
C LEU A 235 12.61 -11.52 17.65
N GLU A 236 12.62 -10.31 17.12
CA GLU A 236 12.20 -9.12 17.84
C GLU A 236 10.70 -9.15 18.17
N LYS A 237 9.86 -9.53 17.20
CA LYS A 237 8.42 -9.74 17.41
C LYS A 237 8.16 -10.74 18.54
N ARG A 238 8.84 -11.89 18.51
CA ARG A 238 8.70 -12.92 19.55
C ARG A 238 9.21 -12.43 20.91
N ARG A 239 10.36 -11.76 20.93
CA ARG A 239 10.91 -11.22 22.20
C ARG A 239 9.89 -10.28 22.83
N ALA A 240 9.42 -9.27 22.08
CA ALA A 240 8.45 -8.30 22.57
C ALA A 240 7.19 -8.97 23.13
N ALA A 241 6.65 -9.98 22.44
CA ALA A 241 5.47 -10.68 22.90
C ALA A 241 5.71 -11.53 24.15
N LEU A 242 6.90 -12.13 24.28
CA LEU A 242 7.31 -12.84 25.49
C LEU A 242 7.46 -11.89 26.69
N GLU A 243 7.95 -10.67 26.45
CA GLU A 243 8.10 -9.66 27.49
C GLU A 243 6.74 -9.22 28.03
N ARG A 244 5.81 -8.88 27.13
CA ARG A 244 4.44 -8.55 27.58
C ARG A 244 3.90 -9.75 28.37
N TYR A 245 3.92 -10.95 27.77
CA TYR A 245 3.42 -12.16 28.46
C TYR A 245 3.95 -12.22 29.90
N LEU A 246 5.26 -12.13 30.09
CA LEU A 246 5.87 -12.27 31.41
C LEU A 246 5.50 -11.11 32.33
N GLN A 247 5.40 -9.88 31.81
CA GLN A 247 4.92 -8.71 32.55
C GLN A 247 3.50 -8.94 33.10
N ARG A 248 2.63 -9.52 32.28
CA ARG A 248 1.25 -9.84 32.76
C ARG A 248 1.35 -10.83 33.93
N ILE A 249 2.13 -11.90 33.78
CA ILE A 249 2.26 -12.95 34.80
C ILE A 249 2.74 -12.36 36.14
N VAL A 250 3.78 -11.52 36.11
CA VAL A 250 4.38 -10.97 37.33
C VAL A 250 3.58 -9.81 37.95
N ASN A 251 2.72 -9.16 37.17
CA ASN A 251 1.80 -8.14 37.68
C ASN A 251 0.56 -8.75 38.36
N HIS A 252 0.32 -10.06 38.21
CA HIS A 252 -0.83 -10.70 38.83
C HIS A 252 -0.50 -11.20 40.26
N PRO A 253 -1.26 -10.81 41.29
CA PRO A 253 -0.96 -11.13 42.69
C PRO A 253 -0.76 -12.62 43.00
N THR A 254 -1.70 -13.46 42.56
CA THR A 254 -1.63 -14.92 42.79
C THR A 254 -0.49 -15.58 42.01
N MET A 255 -0.29 -15.23 40.73
CA MET A 255 0.74 -15.86 39.90
C MET A 255 2.15 -15.42 40.32
N LEU A 256 2.35 -14.16 40.72
CA LEU A 256 3.62 -13.68 41.25
C LEU A 256 4.08 -14.49 42.48
N GLN A 257 3.15 -14.96 43.30
CA GLN A 257 3.45 -15.79 44.46
C GLN A 257 3.67 -17.27 44.12
N ASP A 258 3.38 -17.71 42.89
CA ASP A 258 3.54 -19.11 42.50
C ASP A 258 5.03 -19.50 42.47
N PRO A 259 5.42 -20.62 43.13
CA PRO A 259 6.79 -21.11 43.11
C PRO A 259 7.36 -21.33 41.71
N ASP A 260 6.55 -21.70 40.71
CA ASP A 260 7.01 -21.91 39.33
C ASP A 260 7.39 -20.60 38.63
N VAL A 261 6.68 -19.52 38.97
CA VAL A 261 7.01 -18.19 38.38
C VAL A 261 8.25 -17.65 39.10
N ARG A 262 8.10 -17.18 40.33
CA ARG A 262 9.23 -16.54 41.04
C ARG A 262 10.37 -17.54 41.28
N GLU A 263 10.07 -18.71 41.83
CA GLU A 263 11.18 -19.66 42.21
C GLU A 263 11.73 -20.41 41.01
N PHE A 264 10.92 -20.73 39.98
CA PHE A 264 11.55 -21.44 38.84
C PHE A 264 12.37 -20.44 38.01
N LEU A 265 12.10 -19.14 38.14
CA LEU A 265 13.00 -18.15 37.49
C LEU A 265 14.40 -18.58 37.94
N GLU A 266 14.48 -19.50 38.90
CA GLU A 266 15.78 -19.94 39.40
C GLU A 266 16.01 -21.44 39.21
N LYS A 267 16.46 -21.83 38.03
CA LYS A 267 16.73 -23.23 37.71
C LYS A 267 17.63 -23.37 36.49
N GLU A 268 18.70 -24.14 36.61
CA GLU A 268 19.62 -24.36 35.51
C GLU A 268 18.85 -24.98 34.35
N GLU A 269 19.08 -24.48 33.14
CA GLU A 269 18.33 -25.00 31.96
C GLU A 269 18.84 -26.40 31.59
N LEU A 270 20.17 -26.60 31.60
CA LEU A 270 20.79 -27.90 31.27
C LEU A 270 20.25 -28.42 29.94
N PRO A 271 20.23 -27.62 28.85
CA PRO A 271 19.70 -28.08 27.56
C PRO A 271 20.49 -29.26 27.00
N ARG A 272 19.76 -30.24 26.45
CA ARG A 272 20.30 -31.45 25.86
C ARG A 272 19.54 -31.68 24.55
N ALA A 273 20.11 -32.46 23.64
CA ALA A 273 19.47 -32.69 22.35
C ALA A 273 19.28 -34.15 21.94
N VAL A 274 18.30 -34.37 21.07
CA VAL A 274 17.96 -35.68 20.50
C VAL A 274 17.56 -36.78 21.49
N GLY A 275 16.80 -36.44 22.52
CA GLY A 275 16.36 -37.45 23.46
C GLY A 275 14.93 -37.89 23.16
N THR A 276 14.81 -39.07 22.57
CA THR A 276 13.52 -39.64 22.19
C THR A 276 12.58 -40.01 23.34
N GLN A 277 13.15 -40.59 24.40
CA GLN A 277 12.36 -41.05 25.58
C GLN A 277 11.37 -39.98 26.03
N THR A 278 11.83 -38.72 26.13
CA THR A 278 10.93 -37.62 26.58
C THR A 278 9.80 -37.42 25.56
N LEU A 279 10.13 -37.50 24.27
CA LEU A 279 9.11 -37.32 23.20
C LEU A 279 8.07 -38.44 23.30
N SER A 280 8.55 -39.66 23.58
CA SER A 280 7.71 -40.88 23.65
C SER A 280 6.67 -40.77 24.78
N GLY A 281 7.04 -40.23 25.95
CA GLY A 281 6.06 -40.21 27.05
C GLY A 281 5.17 -38.97 27.00
N ALA A 282 5.74 -37.80 26.74
CA ALA A 282 4.95 -36.55 26.68
C ALA A 282 3.96 -36.61 25.50
N GLY A 283 4.45 -37.12 24.37
CA GLY A 283 3.75 -37.26 23.08
C GLY A 283 2.56 -38.21 23.12
N LEU A 284 2.71 -39.36 23.78
CA LEU A 284 1.61 -40.37 23.83
C LEU A 284 0.42 -39.75 24.56
N LEU A 285 0.69 -39.04 25.66
CA LEU A 285 -0.35 -38.37 26.49
C LEU A 285 -1.05 -37.28 25.67
N LYS A 286 -0.28 -36.55 24.85
CA LYS A 286 -0.84 -35.40 24.06
C LYS A 286 -1.94 -35.82 23.07
N MET A 287 -1.79 -36.96 22.37
CA MET A 287 -2.76 -37.36 21.31
C MET A 287 -4.09 -37.80 21.92
N PHE A 288 -4.05 -38.58 23.00
CA PHE A 288 -5.29 -39.11 23.66
C PHE A 288 -6.13 -37.95 24.22
N ASN A 289 -5.47 -36.98 24.86
CA ASN A 289 -6.18 -35.82 25.47
C ASN A 289 -6.90 -35.00 24.40
N LYS A 290 -6.26 -34.80 23.24
CA LYS A 290 -6.85 -33.96 22.16
C LYS A 290 -8.21 -34.50 21.73
N ALA A 291 -8.36 -35.81 21.58
CA ALA A 291 -9.64 -36.41 21.14
C ALA A 291 -10.73 -36.08 22.17
N THR A 292 -10.39 -36.20 23.46
CA THR A 292 -11.34 -35.92 24.56
C THR A 292 -11.76 -34.45 24.56
N ASP A 293 -10.82 -33.53 24.31
CA ASP A 293 -11.13 -32.07 24.35
C ASP A 293 -12.17 -31.63 23.30
N ALA A 294 -12.08 -32.15 22.08
CA ALA A 294 -12.92 -31.74 20.93
C ALA A 294 -14.37 -32.18 21.14
N VAL A 295 -14.58 -33.42 21.60
CA VAL A 295 -15.96 -33.95 21.80
C VAL A 295 -16.68 -33.11 22.84
N SER A 296 -16.01 -32.80 23.96
CA SER A 296 -16.62 -31.98 25.04
C SER A 296 -16.94 -30.58 24.50
N LYS A 297 -16.01 -29.98 23.75
CA LYS A 297 -16.18 -28.62 23.20
C LYS A 297 -17.34 -28.59 22.19
N MET A 298 -17.45 -29.63 21.35
CA MET A 298 -18.50 -29.66 20.30
C MET A 298 -19.86 -29.98 20.92
N THR A 299 -19.88 -30.95 21.85
CA THR A 299 -21.14 -31.43 22.50
C THR A 299 -21.83 -30.35 23.34
N ILE A 300 -21.08 -29.57 24.13
CA ILE A 300 -21.74 -28.56 25.02
C ILE A 300 -21.15 -27.16 24.84
N LYS A 301 -22.02 -26.16 24.69
CA LYS A 301 -21.61 -24.77 24.52
C LYS A 301 -22.65 -23.85 25.15
N MET A 302 -22.39 -23.43 26.39
CA MET A 302 -23.31 -22.57 27.12
C MET A 302 -23.03 -21.07 26.94
N ASN A 303 -23.69 -20.24 27.74
CA ASN A 303 -23.52 -18.80 27.68
C ASN A 303 -23.25 -18.45 29.15
N GLU A 304 -23.49 -17.20 29.51
CA GLU A 304 -23.27 -16.73 30.87
C GLU A 304 -24.58 -16.65 31.65
N SER A 305 -24.48 -16.32 32.94
CA SER A 305 -25.66 -16.21 33.79
C SER A 305 -25.92 -14.74 34.16
N ASP A 306 -25.04 -14.20 34.99
CA ASP A 306 -25.17 -12.80 35.42
C ASP A 306 -24.55 -11.85 34.41
N ILE A 307 -24.96 -10.59 34.45
CA ILE A 307 -24.44 -9.58 33.53
C ILE A 307 -23.01 -9.19 33.88
N TRP A 308 -22.63 -9.41 35.14
CA TRP A 308 -21.26 -9.08 35.61
C TRP A 308 -20.25 -9.60 34.59
N PHE A 309 -20.48 -10.80 34.05
CA PHE A 309 -19.50 -11.39 33.10
C PHE A 309 -19.99 -11.23 31.66
N GLU A 310 -21.34 -11.27 31.51
CA GLU A 310 -22.04 -11.22 30.19
C GLU A 310 -22.36 -9.79 29.69
N GLU A 311 -22.88 -8.89 30.53
CA GLU A 311 -22.98 -7.46 30.09
C GLU A 311 -21.56 -7.05 29.71
N LYS A 312 -20.64 -7.04 30.68
CA LYS A 312 -19.22 -6.83 30.42
C LYS A 312 -18.72 -7.77 29.34
N LEU A 313 -19.24 -9.00 29.30
CA LEU A 313 -18.84 -9.91 28.23
C LEU A 313 -19.21 -9.37 26.86
N GLN A 314 -20.31 -8.63 26.77
CA GLN A 314 -20.68 -7.98 25.51
C GLN A 314 -19.66 -6.93 25.12
N GLU A 315 -19.31 -6.04 26.07
CA GLU A 315 -18.33 -5.00 25.78
C GLU A 315 -16.99 -5.61 25.35
N VAL A 316 -16.53 -6.64 26.05
CA VAL A 316 -15.26 -7.27 25.72
C VAL A 316 -15.30 -7.85 24.31
N GLU A 317 -16.38 -8.57 23.99
CA GLU A 317 -16.47 -9.21 22.68
C GLU A 317 -16.57 -8.18 21.55
N CYS A 318 -17.15 -7.02 21.83
CA CYS A 318 -17.23 -5.98 20.81
C CYS A 318 -15.88 -5.30 20.61
N GLU A 319 -15.16 -5.00 21.71
CA GLU A 319 -13.85 -4.37 21.56
C GLU A 319 -12.90 -5.26 20.78
N GLU A 320 -13.00 -6.58 20.95
CA GLU A 320 -12.17 -7.48 20.16
C GLU A 320 -12.52 -7.40 18.68
N GLN A 321 -13.81 -7.27 18.37
CA GLN A 321 -14.22 -7.06 16.99
C GLN A 321 -13.59 -5.81 16.40
N ARG A 322 -13.58 -4.71 17.17
CA ARG A 322 -13.00 -3.47 16.68
C ARG A 322 -11.48 -3.56 16.56
N LEU A 323 -10.85 -4.35 17.43
CA LEU A 323 -9.39 -4.51 17.33
C LEU A 323 -9.01 -5.35 16.12
N ARG A 324 -9.76 -6.42 15.83
CA ARG A 324 -9.49 -7.20 14.64
C ARG A 324 -9.74 -6.40 13.38
N LYS A 325 -10.73 -5.49 13.40
CA LYS A 325 -10.95 -4.61 12.26
C LYS A 325 -9.73 -3.74 12.02
N LEU A 326 -9.37 -2.93 13.02
CA LEU A 326 -8.19 -2.08 12.88
C LEU A 326 -6.94 -2.89 12.59
N HIS A 327 -6.84 -4.10 13.14
CA HIS A 327 -5.67 -4.94 12.90
C HIS A 327 -5.61 -5.41 11.46
N ALA A 328 -6.74 -5.86 10.90
CA ALA A 328 -6.75 -6.30 9.51
C ALA A 328 -6.43 -5.14 8.56
N VAL A 329 -6.82 -3.92 8.93
CA VAL A 329 -6.54 -2.77 8.07
C VAL A 329 -5.06 -2.41 8.11
N VAL A 330 -4.41 -2.60 9.26
CA VAL A 330 -2.98 -2.29 9.35
C VAL A 330 -2.16 -3.32 8.60
N GLU A 331 -2.58 -4.59 8.63
CA GLU A 331 -1.86 -5.61 7.88
C GLU A 331 -1.87 -5.31 6.38
N THR A 332 -2.99 -4.79 5.88
CA THR A 332 -3.01 -4.34 4.48
C THR A 332 -2.11 -3.14 4.28
N LEU A 333 -2.04 -2.25 5.28
CA LEU A 333 -1.14 -1.11 5.21
C LEU A 333 0.31 -1.57 5.13
N VAL A 334 0.67 -2.56 5.95
CA VAL A 334 2.02 -3.11 5.91
C VAL A 334 2.34 -3.63 4.51
N ASN A 335 1.52 -4.55 4.01
CA ASN A 335 1.76 -5.12 2.68
C ASN A 335 1.85 -4.04 1.62
N HIS A 336 0.90 -3.12 1.65
CA HIS A 336 0.86 -2.02 0.69
C HIS A 336 2.17 -1.25 0.70
N ARG A 337 2.67 -0.96 1.90
CA ARG A 337 3.93 -0.26 2.07
C ARG A 337 5.00 -1.11 1.41
N LYS A 338 5.11 -2.36 1.86
CA LYS A 338 6.09 -3.27 1.26
C LYS A 338 5.96 -3.29 -0.26
N GLU A 339 4.74 -3.42 -0.75
CA GLU A 339 4.50 -3.38 -2.19
C GLU A 339 4.98 -2.05 -2.79
N LEU A 340 4.86 -0.96 -2.04
CA LEU A 340 5.38 0.32 -2.51
C LEU A 340 6.91 0.32 -2.54
N ALA A 341 7.54 -0.23 -1.50
CA ALA A 341 9.00 -0.26 -1.47
C ALA A 341 9.55 -1.04 -2.67
N LEU A 342 8.91 -2.15 -3.03
CA LEU A 342 9.35 -2.91 -4.19
C LEU A 342 9.28 -2.07 -5.45
N ASN A 343 8.14 -1.45 -5.72
CA ASN A 343 7.98 -0.65 -6.93
C ASN A 343 8.97 0.50 -6.96
N THR A 344 9.28 1.09 -5.79
CA THR A 344 10.27 2.15 -5.75
C THR A 344 11.66 1.61 -6.05
N ALA A 345 11.96 0.38 -5.61
CA ALA A 345 13.23 -0.25 -5.97
C ALA A 345 13.33 -0.47 -7.47
N GLN A 346 12.26 -0.98 -8.08
CA GLN A 346 12.23 -1.13 -9.53
C GLN A 346 12.46 0.20 -10.21
N PHE A 347 11.68 1.21 -9.84
CA PHE A 347 11.82 2.54 -10.45
C PHE A 347 13.25 3.05 -10.32
N ALA A 348 13.82 2.95 -9.11
CA ALA A 348 15.20 3.40 -8.90
C ALA A 348 16.14 2.78 -9.92
N LYS A 349 15.98 1.49 -10.21
CA LYS A 349 16.86 0.82 -11.17
C LYS A 349 16.67 1.36 -12.58
N SER A 350 15.42 1.55 -13.01
CA SER A 350 15.18 2.04 -14.36
C SER A 350 15.75 3.43 -14.56
N LEU A 351 15.70 4.27 -13.53
CA LEU A 351 16.29 5.61 -13.63
C LEU A 351 17.78 5.53 -13.90
N ALA A 352 18.51 4.71 -13.13
CA ALA A 352 19.93 4.53 -13.39
C ALA A 352 20.17 4.02 -14.80
N MET A 353 19.34 3.10 -15.28
CA MET A 353 19.48 2.63 -16.65
C MET A 353 19.16 3.76 -17.64
N LEU A 354 18.21 4.62 -17.30
CA LEU A 354 17.92 5.77 -18.14
C LEU A 354 19.11 6.73 -18.18
N GLY A 355 19.69 7.03 -17.01
CA GLY A 355 20.86 7.89 -16.98
C GLY A 355 22.00 7.35 -17.81
N SER A 356 22.18 6.02 -17.80
CA SER A 356 23.26 5.43 -18.60
C SER A 356 22.96 5.54 -20.08
N SER A 357 21.70 5.32 -20.47
CA SER A 357 21.29 5.48 -21.86
C SER A 357 21.37 6.92 -22.33
N GLU A 358 21.30 7.88 -21.40
CA GLU A 358 21.32 9.29 -21.76
C GLU A 358 22.60 9.63 -22.53
N ASP A 359 22.44 10.46 -23.56
CA ASP A 359 23.57 10.99 -24.31
C ASP A 359 24.00 12.36 -23.82
N ASN A 360 23.31 12.92 -22.84
CA ASN A 360 23.66 14.21 -22.24
C ASN A 360 24.29 13.96 -20.89
N THR A 361 25.54 14.40 -20.73
CA THR A 361 26.27 14.16 -19.49
C THR A 361 25.52 14.72 -18.28
N ALA A 362 25.05 15.97 -18.38
CA ALA A 362 24.34 16.59 -17.26
C ALA A 362 23.09 15.78 -16.89
N LEU A 363 22.35 15.30 -17.89
CA LEU A 363 21.14 14.53 -17.61
C LEU A 363 21.47 13.17 -17.03
N SER A 364 22.54 12.52 -17.52
CA SER A 364 22.97 11.27 -16.92
C SER A 364 23.36 11.46 -15.46
N ARG A 365 24.08 12.54 -15.17
CA ARG A 365 24.49 12.82 -13.81
C ARG A 365 23.27 13.06 -12.91
N ALA A 366 22.35 13.91 -13.36
CA ALA A 366 21.16 14.21 -12.56
C ALA A 366 20.29 12.97 -12.40
N LEU A 367 20.09 12.21 -13.48
CA LEU A 367 19.28 11.01 -13.40
C LEU A 367 19.92 9.96 -12.49
N SER A 368 21.23 9.75 -12.65
CA SER A 368 21.94 8.84 -11.77
C SER A 368 21.75 9.24 -10.31
N GLN A 369 21.82 10.54 -10.02
CA GLN A 369 21.67 11.00 -8.64
C GLN A 369 20.24 10.83 -8.15
N LEU A 370 19.26 11.06 -9.03
CA LEU A 370 17.87 10.84 -8.65
C LEU A 370 17.63 9.38 -8.25
N ALA A 371 18.22 8.45 -9.00
CA ALA A 371 18.09 7.04 -8.66
C ALA A 371 18.63 6.76 -7.27
N GLU A 372 19.75 7.37 -6.90
CA GLU A 372 20.29 7.18 -5.56
C GLU A 372 19.32 7.70 -4.49
N VAL A 373 18.60 8.78 -4.78
CA VAL A 373 17.57 9.24 -3.86
C VAL A 373 16.47 8.19 -3.75
N GLU A 374 15.96 7.73 -4.90
CA GLU A 374 14.94 6.69 -4.89
C GLU A 374 15.43 5.45 -4.16
N GLU A 375 16.70 5.10 -4.36
CA GLU A 375 17.26 3.93 -3.67
C GLU A 375 17.14 4.08 -2.16
N LYS A 376 17.47 5.26 -1.63
CA LYS A 376 17.35 5.47 -0.19
C LYS A 376 15.90 5.45 0.25
N ILE A 377 15.00 5.98 -0.58
CA ILE A 377 13.59 6.07 -0.18
C ILE A 377 12.96 4.70 -0.08
N GLU A 378 13.34 3.78 -0.99
CA GLU A 378 12.75 2.45 -0.95
C GLU A 378 13.14 1.71 0.32
N GLN A 379 14.31 1.99 0.88
CA GLN A 379 14.67 1.41 2.17
C GLN A 379 13.81 1.98 3.29
N LEU A 380 13.61 3.30 3.28
CA LEU A 380 12.70 3.91 4.26
C LEU A 380 11.33 3.26 4.21
N HIS A 381 10.78 3.10 3.01
CA HIS A 381 9.47 2.46 2.87
C HIS A 381 9.44 1.10 3.54
N GLN A 382 10.46 0.28 3.29
CA GLN A 382 10.43 -1.09 3.81
C GLN A 382 10.62 -1.10 5.33
N GLU A 383 11.61 -0.34 5.83
CA GLU A 383 11.79 -0.27 7.28
C GLU A 383 10.53 0.25 7.95
N GLN A 384 9.87 1.24 7.32
CA GLN A 384 8.61 1.73 7.86
C GLN A 384 7.56 0.63 7.89
N ALA A 385 7.50 -0.19 6.83
CA ALA A 385 6.55 -1.29 6.80
C ALA A 385 6.77 -2.25 7.96
N ASN A 386 8.04 -2.57 8.27
CA ASN A 386 8.32 -3.43 9.41
C ASN A 386 7.89 -2.77 10.72
N ASN A 387 8.05 -1.44 10.82
CA ASN A 387 7.59 -0.73 12.01
C ASN A 387 6.07 -0.67 12.08
N ASP A 388 5.40 -0.60 10.92
CA ASP A 388 3.94 -0.69 10.92
C ASP A 388 3.47 -2.04 11.45
N PHE A 389 4.27 -3.08 11.27
CA PHE A 389 3.89 -4.44 11.65
C PHE A 389 4.30 -4.77 13.07
N PHE A 390 5.58 -4.56 13.42
CA PHE A 390 6.06 -4.94 14.74
C PHE A 390 5.72 -3.90 15.80
N LEU A 391 5.59 -2.63 15.42
CA LEU A 391 5.28 -1.58 16.38
C LEU A 391 3.79 -1.23 16.43
N LEU A 392 3.00 -1.66 15.45
CA LEU A 392 1.58 -1.33 15.46
C LEU A 392 0.73 -2.59 15.32
N ALA A 393 0.85 -3.26 14.17
CA ALA A 393 0.05 -4.46 13.93
C ALA A 393 0.22 -5.47 15.05
N GLU A 394 1.46 -5.70 15.47
CA GLU A 394 1.71 -6.66 16.55
C GLU A 394 1.19 -6.14 17.89
N LEU A 395 1.23 -4.81 18.09
CA LEU A 395 0.67 -4.23 19.30
C LEU A 395 -0.81 -4.58 19.42
N LEU A 396 -1.58 -4.38 18.35
CA LEU A 396 -2.99 -4.74 18.36
C LEU A 396 -3.18 -6.21 18.66
N SER A 397 -2.36 -7.07 18.07
CA SER A 397 -2.53 -8.51 18.27
C SER A 397 -2.37 -8.90 19.73
N ASP A 398 -1.47 -8.22 20.45
CA ASP A 398 -1.32 -8.51 21.88
C ASP A 398 -2.60 -8.20 22.65
N TYR A 399 -3.17 -7.02 22.42
CA TYR A 399 -4.44 -6.68 23.06
C TYR A 399 -5.51 -7.70 22.70
N ILE A 400 -5.57 -8.12 21.44
CA ILE A 400 -6.49 -9.18 21.06
C ILE A 400 -6.13 -10.47 21.78
N ARG A 401 -4.85 -10.66 22.11
CA ARG A 401 -4.44 -11.83 22.88
C ARG A 401 -4.88 -11.72 24.33
N LEU A 402 -4.87 -10.51 24.89
CA LEU A 402 -5.30 -10.31 26.27
C LEU A 402 -6.82 -10.37 26.39
N LEU A 403 -7.54 -9.73 25.47
CA LEU A 403 -8.99 -9.80 25.49
C LEU A 403 -9.47 -11.25 25.45
N ALA A 404 -8.84 -12.08 24.61
CA ALA A 404 -9.20 -13.49 24.59
C ALA A 404 -8.91 -14.18 25.93
N ILE A 405 -8.05 -13.58 26.75
CA ILE A 405 -7.76 -14.14 28.07
C ILE A 405 -8.85 -13.77 29.07
N VAL A 406 -9.52 -12.64 28.87
CA VAL A 406 -10.68 -12.32 29.70
C VAL A 406 -11.90 -13.09 29.21
N ARG A 407 -12.01 -13.34 27.90
CA ARG A 407 -13.05 -14.21 27.40
C ARG A 407 -12.92 -15.61 27.99
N ALA A 408 -11.70 -16.14 28.03
CA ALA A 408 -11.49 -17.45 28.63
C ALA A 408 -11.85 -17.47 30.11
N ALA A 409 -11.69 -16.33 30.80
CA ALA A 409 -12.07 -16.25 32.21
C ALA A 409 -13.58 -16.37 32.37
N PHE A 410 -14.34 -15.62 31.56
CA PHE A 410 -15.79 -15.76 31.57
C PHE A 410 -16.21 -17.18 31.25
N ASP A 411 -15.60 -17.77 30.22
CA ASP A 411 -15.92 -19.15 29.88
C ASP A 411 -15.60 -20.09 31.03
N GLN A 412 -14.48 -19.85 31.73
CA GLN A 412 -14.15 -20.69 32.88
C GLN A 412 -15.11 -20.49 34.04
N ARG A 413 -15.64 -19.26 34.19
CA ARG A 413 -16.64 -19.02 35.22
C ARG A 413 -17.91 -19.83 34.95
N MET A 414 -18.28 -19.98 33.68
CA MET A 414 -19.46 -20.76 33.33
C MET A 414 -19.21 -22.25 33.55
N LYS A 415 -18.01 -22.73 33.23
CA LYS A 415 -17.69 -24.14 33.47
C LYS A 415 -17.82 -24.48 34.95
N THR A 416 -17.39 -23.58 35.82
CA THR A 416 -17.52 -23.82 37.26
C THR A 416 -18.98 -23.84 37.67
N TRP A 417 -19.76 -22.87 37.21
CA TRP A 417 -21.19 -22.84 37.52
C TRP A 417 -21.87 -24.13 37.10
N GLN A 418 -21.55 -24.62 35.90
CA GLN A 418 -22.15 -25.88 35.44
C GLN A 418 -21.79 -27.02 36.37
N ARG A 419 -20.50 -27.17 36.69
CA ARG A 419 -20.10 -28.23 37.61
C ARG A 419 -20.81 -28.10 38.95
N TRP A 420 -20.99 -26.86 39.42
CA TRP A 420 -21.74 -26.62 40.66
C TRP A 420 -23.17 -27.12 40.51
N GLN A 421 -23.85 -26.74 39.42
CA GLN A 421 -25.21 -27.18 39.22
C GLN A 421 -25.30 -28.70 39.12
N ASP A 422 -24.31 -29.32 38.45
CA ASP A 422 -24.32 -30.78 38.34
C ASP A 422 -24.23 -31.43 39.72
N ALA A 423 -23.46 -30.83 40.63
CA ALA A 423 -23.38 -31.37 41.99
C ALA A 423 -24.72 -31.30 42.69
N GLN A 424 -25.48 -30.23 42.48
CA GLN A 424 -26.79 -30.12 43.10
C GLN A 424 -27.74 -31.19 42.56
N ALA A 425 -27.74 -31.40 41.24
CA ALA A 425 -28.53 -32.48 40.66
C ALA A 425 -28.13 -33.83 41.27
N THR A 426 -26.82 -34.04 41.46
CA THR A 426 -26.37 -35.26 42.12
C THR A 426 -26.90 -35.34 43.54
N LEU A 427 -26.87 -34.21 44.27
CA LEU A 427 -27.37 -34.20 45.64
C LEU A 427 -28.84 -34.60 45.69
N GLN A 428 -29.65 -34.08 44.78
CA GLN A 428 -31.07 -34.43 44.77
C GLN A 428 -31.24 -35.94 44.65
N LYS A 429 -30.51 -36.57 43.73
CA LYS A 429 -30.56 -38.02 43.60
C LYS A 429 -30.22 -38.71 44.91
N LYS A 430 -29.30 -38.13 45.69
CA LYS A 430 -28.95 -38.71 46.98
C LYS A 430 -30.09 -38.57 47.98
N ARG A 431 -30.66 -37.37 48.07
CA ARG A 431 -31.79 -37.16 48.98
C ARG A 431 -32.98 -38.05 48.60
N GLU A 432 -33.21 -38.22 47.30
CA GLU A 432 -34.29 -39.10 46.88
C GLU A 432 -33.97 -40.55 47.20
N ALA A 433 -32.70 -40.94 47.07
CA ALA A 433 -32.31 -42.31 47.41
C ALA A 433 -32.62 -42.62 48.87
N GLU A 434 -32.48 -41.63 49.75
CA GLU A 434 -32.83 -41.83 51.15
C GLU A 434 -34.34 -41.93 51.33
N ALA A 435 -35.09 -41.01 50.71
CA ALA A 435 -36.54 -41.02 50.85
C ALA A 435 -37.13 -42.39 50.54
N ARG A 436 -36.64 -43.02 49.47
CA ARG A 436 -37.11 -44.36 49.13
C ARG A 436 -36.79 -45.35 50.25
N LEU A 437 -35.61 -45.23 50.85
CA LEU A 437 -35.18 -46.18 51.87
C LEU A 437 -35.84 -45.94 53.22
N LEU A 438 -36.45 -44.77 53.44
CA LEU A 438 -37.12 -44.53 54.72
C LEU A 438 -38.25 -45.52 54.95
N TRP A 439 -38.92 -45.96 53.88
CA TRP A 439 -39.98 -46.94 53.99
C TRP A 439 -39.48 -48.37 54.03
N ALA A 440 -38.31 -48.64 53.46
CA ALA A 440 -37.73 -49.98 53.50
C ALA A 440 -37.41 -50.39 54.93
N ASN A 441 -36.89 -51.60 55.11
CA ASN A 441 -36.54 -52.10 56.43
C ASN A 441 -35.07 -52.47 56.51
N LYS A 442 -34.19 -51.59 56.00
CA LYS A 442 -32.75 -51.81 56.02
C LYS A 442 -32.08 -50.56 56.57
N PRO A 443 -31.80 -50.53 57.88
CA PRO A 443 -31.18 -49.33 58.46
C PRO A 443 -29.74 -49.13 58.02
N ASP A 444 -29.05 -50.18 57.57
CA ASP A 444 -27.67 -50.02 57.13
C ASP A 444 -27.59 -49.23 55.84
N LYS A 445 -28.35 -49.64 54.82
CA LYS A 445 -28.38 -48.91 53.56
C LYS A 445 -28.90 -47.49 53.76
N LEU A 446 -29.71 -47.25 54.80
CA LEU A 446 -30.19 -45.89 55.06
C LEU A 446 -29.03 -44.98 55.46
N GLN A 447 -28.26 -45.37 56.47
CA GLN A 447 -27.08 -44.60 56.84
C GLN A 447 -26.14 -44.44 55.66
N GLN A 448 -26.04 -45.46 54.81
CA GLN A 448 -25.31 -45.33 53.56
C GLN A 448 -25.82 -44.13 52.77
N ALA A 449 -27.15 -43.99 52.66
CA ALA A 449 -27.72 -42.86 51.94
C ALA A 449 -27.53 -41.56 52.70
N LYS A 450 -27.70 -41.59 54.03
CA LYS A 450 -27.54 -40.36 54.81
C LYS A 450 -26.11 -39.85 54.75
N ASP A 451 -25.13 -40.74 54.58
CA ASP A 451 -23.74 -40.30 54.47
C ASP A 451 -23.48 -39.63 53.13
N GLU A 452 -23.88 -40.28 52.03
CA GLU A 452 -23.66 -39.71 50.71
C GLU A 452 -24.33 -38.35 50.56
N ILE A 453 -25.39 -38.11 51.33
CA ILE A 453 -25.99 -36.77 51.35
C ILE A 453 -25.07 -35.79 52.07
N LEU A 454 -24.59 -36.17 53.25
CA LEU A 454 -23.66 -35.31 53.98
C LEU A 454 -22.43 -35.01 53.14
N GLU A 455 -21.94 -35.99 52.38
CA GLU A 455 -20.75 -35.76 51.56
C GLU A 455 -21.03 -34.77 50.43
N TRP A 456 -22.17 -34.92 49.75
CA TRP A 456 -22.50 -34.05 48.63
C TRP A 456 -23.06 -32.71 49.08
N GLU A 457 -23.57 -32.62 50.30
CA GLU A 457 -23.84 -31.30 50.87
C GLU A 457 -22.56 -30.49 50.96
N SER A 458 -21.45 -31.15 51.32
CA SER A 458 -20.16 -30.47 51.38
C SER A 458 -19.63 -30.16 49.97
N ARG A 459 -19.71 -31.14 49.07
CA ARG A 459 -19.22 -30.93 47.71
C ARG A 459 -19.90 -29.73 47.06
N VAL A 460 -21.24 -29.71 47.06
CA VAL A 460 -21.97 -28.58 46.49
C VAL A 460 -21.56 -27.29 47.17
N THR A 461 -21.16 -27.36 48.44
CA THR A 461 -20.67 -26.16 49.12
C THR A 461 -19.33 -25.72 48.55
N GLN A 462 -18.48 -26.68 48.16
CA GLN A 462 -17.20 -26.34 47.58
C GLN A 462 -17.37 -25.73 46.19
N TYR A 463 -18.11 -26.41 45.32
CA TYR A 463 -18.35 -25.88 43.98
C TYR A 463 -19.00 -24.50 44.05
N GLU A 464 -19.86 -24.26 45.04
CA GLU A 464 -20.43 -22.93 45.20
C GLU A 464 -19.37 -21.92 45.64
N ARG A 465 -18.46 -22.32 46.52
CA ARG A 465 -17.42 -21.40 46.95
C ARG A 465 -16.40 -21.15 45.85
N ASP A 466 -16.19 -22.13 44.96
CA ASP A 466 -15.32 -21.88 43.81
C ASP A 466 -15.97 -20.91 42.84
N PHE A 467 -17.28 -21.02 42.64
CA PHE A 467 -17.96 -20.11 41.72
C PHE A 467 -17.86 -18.67 42.19
N GLU A 468 -18.01 -18.43 43.49
CA GLU A 468 -17.83 -17.08 44.02
C GLU A 468 -16.42 -16.58 43.76
N ARG A 469 -15.41 -17.39 44.05
CA ARG A 469 -14.03 -16.96 43.88
C ARG A 469 -13.71 -16.72 42.40
N ILE A 470 -14.16 -17.60 41.53
CA ILE A 470 -13.90 -17.43 40.09
C ILE A 470 -14.58 -16.18 39.57
N SER A 471 -15.78 -15.88 40.07
CA SER A 471 -16.45 -14.64 39.70
C SER A 471 -15.64 -13.43 40.12
N THR A 472 -14.93 -13.51 41.24
CA THR A 472 -14.07 -12.42 41.66
C THR A 472 -12.83 -12.29 40.79
N VAL A 473 -12.36 -13.41 40.23
CA VAL A 473 -11.16 -13.37 39.41
C VAL A 473 -11.41 -12.61 38.11
N VAL A 474 -12.54 -12.90 37.45
CA VAL A 474 -12.84 -12.20 36.20
C VAL A 474 -13.00 -10.71 36.46
N ARG A 475 -13.64 -10.33 37.56
CA ARG A 475 -13.69 -8.92 37.94
C ARG A 475 -12.28 -8.36 38.12
N LYS A 476 -11.45 -9.03 38.91
CA LYS A 476 -10.08 -8.60 39.08
C LYS A 476 -9.33 -8.57 37.75
N GLU A 477 -9.69 -9.47 36.82
CA GLU A 477 -8.97 -9.56 35.56
C GLU A 477 -9.36 -8.43 34.60
N VAL A 478 -10.66 -8.11 34.53
CA VAL A 478 -11.10 -7.02 33.67
C VAL A 478 -10.50 -5.70 34.14
N ILE A 479 -10.45 -5.48 35.45
CA ILE A 479 -9.84 -4.25 35.98
C ILE A 479 -8.36 -4.20 35.62
N ARG A 480 -7.67 -5.33 35.72
CA ARG A 480 -6.25 -5.38 35.36
C ARG A 480 -6.05 -5.03 33.89
N PHE A 481 -6.90 -5.57 33.01
CA PHE A 481 -6.77 -5.28 31.59
C PHE A 481 -6.96 -3.80 31.30
N GLU A 482 -7.86 -3.15 32.03
CA GLU A 482 -8.14 -1.74 31.79
C GLU A 482 -7.02 -0.85 32.32
N LYS A 483 -6.57 -1.10 33.55
CA LYS A 483 -5.51 -0.27 34.13
C LYS A 483 -4.22 -0.39 33.34
N GLU A 484 -3.87 -1.61 32.92
CA GLU A 484 -2.68 -1.79 32.10
C GLU A 484 -2.81 -1.07 30.76
N LYS A 485 -4.02 -0.96 30.24
CA LYS A 485 -4.23 -0.30 28.95
C LYS A 485 -3.86 1.17 29.02
N SER A 486 -4.39 1.89 30.02
CA SER A 486 -4.12 3.31 30.14
C SER A 486 -2.68 3.58 30.53
N LYS A 487 -2.06 2.67 31.26
CA LYS A 487 -0.68 2.90 31.73
C LYS A 487 0.31 2.88 30.58
N ASP A 488 0.13 1.98 29.62
CA ASP A 488 1.11 1.77 28.56
C ASP A 488 0.68 2.26 27.19
N PHE A 489 -0.63 2.39 26.94
CA PHE A 489 -1.08 2.65 25.57
C PHE A 489 -0.47 3.92 24.99
N LYS A 490 -0.41 4.99 25.79
CA LYS A 490 0.11 6.26 25.28
C LYS A 490 1.53 6.10 24.76
N ASN A 491 2.39 5.45 25.54
CA ASN A 491 3.79 5.33 25.15
C ASN A 491 3.95 4.48 23.90
N HIS A 492 3.18 3.39 23.79
CA HIS A 492 3.28 2.55 22.60
C HIS A 492 2.85 3.30 21.35
N VAL A 493 1.89 4.21 21.46
CA VAL A 493 1.49 5.00 20.30
C VAL A 493 2.57 6.02 19.97
N ILE A 494 3.17 6.63 20.98
CA ILE A 494 4.26 7.59 20.73
C ILE A 494 5.42 6.88 20.05
N LYS A 495 5.76 5.68 20.51
CA LYS A 495 6.86 4.93 19.89
C LYS A 495 6.63 4.79 18.39
N TYR A 496 5.42 4.38 18.00
CA TYR A 496 5.14 4.20 16.58
C TYR A 496 5.18 5.52 15.83
N LEU A 497 4.49 6.54 16.36
CA LEU A 497 4.43 7.83 15.67
C LEU A 497 5.82 8.41 15.45
N GLU A 498 6.72 8.22 16.42
CA GLU A 498 8.10 8.65 16.21
C GLU A 498 8.74 7.92 15.03
N THR A 499 8.25 6.71 14.73
CA THR A 499 8.78 5.96 13.60
C THR A 499 8.39 6.60 12.28
N LEU A 500 7.16 7.14 12.20
CA LEU A 500 6.76 7.89 11.01
C LEU A 500 7.44 9.26 10.96
N LEU A 501 7.68 9.88 12.13
CA LEU A 501 8.36 11.16 12.16
C LEU A 501 9.79 11.04 11.65
N TYR A 502 10.49 9.97 12.04
CA TYR A 502 11.85 9.77 11.57
C TYR A 502 11.89 9.59 10.05
N SER A 503 10.93 8.85 9.50
CA SER A 503 10.89 8.65 8.06
C SER A 503 10.78 9.99 7.33
N GLN A 504 9.75 10.78 7.67
CA GLN A 504 9.55 12.04 6.99
C GLN A 504 10.78 12.94 7.10
N GLN A 505 11.35 13.04 8.30
CA GLN A 505 12.59 13.79 8.46
C GLN A 505 13.65 13.31 7.47
N GLN A 506 13.74 11.99 7.27
CA GLN A 506 14.68 11.46 6.30
C GLN A 506 14.29 11.85 4.87
N LEU A 507 13.00 11.77 4.55
CA LEU A 507 12.54 12.20 3.23
C LEU A 507 12.98 13.64 2.95
N ALA A 508 12.72 14.55 3.89
CA ALA A 508 13.07 15.94 3.69
C ALA A 508 14.55 16.10 3.38
N LYS A 509 15.41 15.50 4.19
CA LYS A 509 16.84 15.63 3.97
C LYS A 509 17.25 15.07 2.61
N TYR A 510 16.65 13.95 2.20
CA TYR A 510 17.00 13.36 0.90
C TYR A 510 16.73 14.34 -0.24
N TRP A 511 15.55 14.94 -0.25
CA TRP A 511 15.18 15.83 -1.36
C TRP A 511 15.84 17.20 -1.22
N GLU A 512 16.04 17.70 0.00
CA GLU A 512 16.80 18.93 0.18
C GLU A 512 18.21 18.79 -0.37
N ALA A 513 18.77 17.58 -0.34
CA ALA A 513 20.12 17.37 -0.86
C ALA A 513 20.12 17.22 -2.37
N PHE A 514 19.04 16.70 -2.96
CA PHE A 514 18.99 16.56 -4.42
C PHE A 514 18.61 17.86 -5.10
N LEU A 515 17.86 18.74 -4.42
CA LEU A 515 17.46 20.02 -4.96
C LEU A 515 18.64 20.74 -5.60
N PRO A 516 19.72 21.00 -4.85
CA PRO A 516 20.88 21.67 -5.45
C PRO A 516 21.43 20.94 -6.66
N GLU A 517 21.33 19.61 -6.70
CA GLU A 517 21.83 18.85 -7.83
C GLU A 517 20.93 19.02 -9.05
N ALA A 518 19.62 19.18 -8.85
CA ALA A 518 18.73 19.44 -9.96
C ALA A 518 18.99 20.82 -10.57
N LYS A 519 19.17 21.83 -9.71
CA LYS A 519 19.44 23.18 -10.21
C LYS A 519 20.75 23.26 -10.96
N ALA A 520 21.70 22.38 -10.66
CA ALA A 520 23.00 22.40 -11.30
C ALA A 520 22.99 21.80 -12.71
N ILE A 521 21.82 21.43 -13.24
CA ILE A 521 21.73 20.86 -14.57
C ILE A 521 21.85 21.99 -15.59
N SER A 522 22.94 21.97 -16.37
CA SER A 522 23.17 23.00 -17.38
C SER A 522 23.03 22.44 -18.80
N PRO B 29 4.45 36.72 -25.29
CA PRO B 29 3.29 37.34 -24.64
C PRO B 29 2.16 37.69 -25.61
N SER B 30 2.38 37.61 -26.93
CA SER B 30 1.38 38.01 -27.93
C SER B 30 0.27 36.97 -28.15
N LEU B 31 0.50 35.70 -27.79
CA LEU B 31 -0.50 34.63 -27.87
C LEU B 31 -0.30 33.65 -26.71
N GLN B 32 -1.07 33.82 -25.65
CA GLN B 32 -1.05 32.99 -24.45
C GLN B 32 -2.28 32.09 -24.42
N ILE B 33 -2.05 30.82 -24.15
CA ILE B 33 -3.10 29.79 -24.12
C ILE B 33 -2.99 29.00 -22.84
N ASP B 34 -4.13 28.83 -22.18
CA ASP B 34 -4.32 27.97 -21.01
C ASP B 34 -5.62 27.17 -21.12
N ILE B 35 -5.69 26.06 -20.40
CA ILE B 35 -6.91 25.25 -20.27
C ILE B 35 -7.31 25.33 -18.80
N PRO B 36 -8.09 26.36 -18.40
CA PRO B 36 -8.43 26.59 -17.00
C PRO B 36 -9.32 25.50 -16.41
N ASP B 37 -10.17 24.89 -17.25
CA ASP B 37 -11.01 23.76 -16.85
C ASP B 37 -11.25 22.78 -17.99
N ALA B 38 -11.79 21.63 -17.60
CA ALA B 38 -12.37 20.67 -18.51
C ALA B 38 -13.56 19.97 -17.82
N LEU B 39 -14.42 19.34 -18.62
CA LEU B 39 -15.59 18.62 -18.16
C LEU B 39 -15.61 17.23 -18.79
N SER B 40 -15.66 16.20 -17.94
CA SER B 40 -15.68 14.83 -18.41
C SER B 40 -17.11 14.32 -18.56
N GLU B 41 -17.64 14.43 -19.78
CA GLU B 41 -19.01 13.98 -20.05
C GLU B 41 -19.03 12.58 -20.67
N ARG B 42 -19.56 11.63 -19.91
CA ARG B 42 -19.66 10.24 -20.35
C ARG B 42 -18.30 9.92 -20.98
N ASP B 43 -18.34 9.35 -22.18
CA ASP B 43 -17.11 8.99 -22.89
C ASP B 43 -16.32 10.11 -23.56
N LYS B 44 -16.61 11.35 -23.18
CA LYS B 44 -15.91 12.51 -23.74
C LYS B 44 -15.36 13.43 -22.67
N VAL B 45 -14.27 14.12 -23.01
CA VAL B 45 -13.77 15.27 -22.25
C VAL B 45 -13.85 16.50 -23.13
N LYS B 46 -14.47 17.55 -22.60
CA LYS B 46 -14.52 18.88 -23.18
C LYS B 46 -13.54 19.77 -22.41
N PHE B 47 -12.66 20.44 -23.12
CA PHE B 47 -11.67 21.36 -22.59
C PHE B 47 -12.13 22.78 -22.89
N THR B 48 -12.12 23.65 -21.89
CA THR B 48 -12.28 25.08 -22.13
C THR B 48 -10.90 25.62 -22.50
N VAL B 49 -10.70 25.95 -23.76
CA VAL B 49 -9.45 26.54 -24.24
C VAL B 49 -9.60 28.05 -24.13
N HIS B 50 -8.80 28.65 -23.26
CA HIS B 50 -8.78 30.08 -23.03
C HIS B 50 -7.57 30.69 -23.74
N THR B 51 -7.80 31.79 -24.45
CA THR B 51 -6.79 32.48 -25.24
C THR B 51 -6.74 33.96 -24.87
N LYS B 52 -5.54 34.46 -24.60
CA LYS B 52 -5.22 35.88 -24.48
C LYS B 52 -4.23 36.27 -25.56
N THR B 53 -4.52 37.35 -26.28
CA THR B 53 -3.70 37.74 -27.43
C THR B 53 -3.66 39.23 -27.66
N THR B 54 -2.54 39.70 -28.21
CA THR B 54 -2.39 41.06 -28.76
C THR B 54 -2.34 41.05 -30.28
N LEU B 55 -2.55 39.89 -30.93
CA LEU B 55 -2.48 39.76 -32.37
C LEU B 55 -3.77 40.27 -33.02
N PRO B 56 -3.69 41.15 -34.04
CA PRO B 56 -4.87 41.75 -34.68
C PRO B 56 -5.66 40.78 -35.56
N THR B 57 -5.14 39.57 -35.77
CA THR B 57 -5.83 38.51 -36.54
C THR B 57 -7.06 37.98 -35.81
N PHE B 58 -7.08 38.06 -34.47
CA PHE B 58 -8.22 37.67 -33.64
C PHE B 58 -9.18 38.84 -33.44
N GLN B 59 -10.46 38.54 -33.28
CA GLN B 59 -11.55 39.49 -33.13
C GLN B 59 -11.59 40.11 -31.73
N SER B 60 -11.18 39.35 -30.72
CA SER B 60 -11.15 39.76 -29.31
C SER B 60 -9.76 39.51 -28.72
N PRO B 61 -9.26 40.38 -27.81
CA PRO B 61 -7.99 40.15 -27.11
C PRO B 61 -8.07 39.00 -26.08
N GLU B 62 -9.27 38.59 -25.67
CA GLU B 62 -9.49 37.51 -24.71
C GLU B 62 -10.79 36.78 -25.06
N PHE B 63 -10.75 35.46 -25.14
CA PHE B 63 -11.90 34.60 -25.46
C PHE B 63 -11.65 33.15 -25.03
N SER B 64 -12.72 32.37 -24.92
CA SER B 64 -12.67 30.95 -24.60
C SER B 64 -13.60 30.14 -25.49
N VAL B 65 -13.16 28.96 -25.88
CA VAL B 65 -13.93 28.01 -26.70
C VAL B 65 -13.90 26.61 -26.08
N THR B 66 -14.93 25.82 -26.37
CA THR B 66 -14.96 24.42 -25.93
C THR B 66 -14.41 23.50 -27.02
N ARG B 67 -13.53 22.57 -26.61
CA ARG B 67 -12.89 21.63 -27.58
C ARG B 67 -12.82 20.21 -27.01
N GLN B 68 -13.04 19.19 -27.84
CA GLN B 68 -12.96 17.79 -27.47
C GLN B 68 -11.61 17.21 -27.92
N HIS B 69 -11.20 16.09 -27.35
CA HIS B 69 -9.92 15.44 -27.71
C HIS B 69 -9.77 15.23 -29.23
N GLU B 70 -10.84 14.85 -29.92
CA GLU B 70 -10.87 14.67 -31.37
C GLU B 70 -10.52 15.95 -32.16
N ASP B 71 -10.82 17.13 -31.62
CA ASP B 71 -10.48 18.41 -32.26
C ASP B 71 -8.96 18.63 -32.25
N PHE B 72 -8.28 18.22 -31.18
CA PHE B 72 -6.82 18.29 -31.08
C PHE B 72 -6.15 17.33 -32.07
N VAL B 73 -6.71 16.13 -32.22
CA VAL B 73 -6.24 15.15 -33.20
C VAL B 73 -6.41 15.69 -34.63
N TRP B 74 -7.55 16.31 -34.93
CA TRP B 74 -7.79 16.95 -36.22
C TRP B 74 -6.83 18.09 -36.51
N LEU B 75 -6.59 18.96 -35.53
CA LEU B 75 -5.64 20.05 -35.68
C LEU B 75 -4.24 19.48 -35.97
N HIS B 76 -3.79 18.51 -35.19
CA HIS B 76 -2.52 17.83 -35.42
C HIS B 76 -2.42 17.19 -36.82
N ASP B 77 -3.44 16.45 -37.25
CA ASP B 77 -3.48 15.83 -38.58
C ASP B 77 -3.38 16.88 -39.69
N THR B 78 -4.11 17.98 -39.57
CA THR B 78 -4.11 19.07 -40.55
C THR B 78 -2.74 19.74 -40.66
N LEU B 79 -2.06 19.93 -39.52
CA LEU B 79 -0.69 20.47 -39.49
C LEU B 79 0.32 19.51 -40.14
N ILE B 80 0.20 18.19 -39.92
CA ILE B 80 1.05 17.19 -40.57
C ILE B 80 0.81 17.13 -42.08
N GLU B 81 -0.45 17.25 -42.52
CA GLU B 81 -0.84 17.16 -43.93
C GLU B 81 -0.53 18.44 -44.72
N THR B 82 -0.29 19.55 -44.02
CA THR B 82 0.14 20.82 -44.64
C THR B 82 1.57 20.69 -45.18
N THR B 83 1.72 20.73 -46.50
CA THR B 83 3.00 20.47 -47.18
C THR B 83 4.10 21.45 -46.78
N ASP B 84 3.74 22.70 -46.50
CA ASP B 84 4.68 23.77 -46.17
C ASP B 84 5.28 23.58 -44.76
N TYR B 85 4.62 22.79 -43.92
CA TYR B 85 5.09 22.46 -42.57
C TYR B 85 5.89 21.14 -42.53
N ALA B 86 6.13 20.50 -43.68
CA ALA B 86 6.83 19.20 -43.77
C ALA B 86 8.25 19.24 -43.16
N GLY B 87 8.88 20.42 -43.11
CA GLY B 87 10.20 20.65 -42.53
C GLY B 87 10.15 21.24 -41.12
N LEU B 88 8.99 21.15 -40.42
CA LEU B 88 8.80 21.63 -39.05
C LEU B 88 8.56 20.48 -38.07
N ILE B 89 9.02 20.61 -36.81
CA ILE B 89 8.72 19.60 -35.78
C ILE B 89 7.31 19.87 -35.25
N ILE B 90 6.33 19.18 -35.82
CA ILE B 90 4.94 19.26 -35.35
C ILE B 90 4.86 18.62 -33.96
N PRO B 91 4.39 19.36 -32.92
CA PRO B 91 4.20 18.79 -31.60
C PRO B 91 3.36 17.51 -31.66
N PRO B 92 3.68 16.45 -30.90
CA PRO B 92 2.89 15.23 -30.91
C PRO B 92 1.48 15.55 -30.40
N ALA B 93 0.47 14.93 -31.02
CA ALA B 93 -0.90 15.01 -30.52
C ALA B 93 -0.96 14.57 -29.05
N PRO B 94 -1.80 15.24 -28.22
CA PRO B 94 -2.01 14.79 -26.85
C PRO B 94 -2.57 13.36 -26.85
N THR B 95 -2.30 12.60 -25.80
CA THR B 95 -2.85 11.24 -25.69
C THR B 95 -4.35 11.28 -25.41
N LYS B 96 -5.09 10.32 -25.96
CA LYS B 96 -6.51 10.17 -25.66
C LYS B 96 -6.70 10.04 -24.14
N PRO B 97 -7.62 10.82 -23.55
CA PRO B 97 -7.94 10.68 -22.14
C PRO B 97 -8.43 9.25 -21.85
N ASP B 98 -7.78 8.56 -20.91
CA ASP B 98 -8.17 7.23 -20.46
C ASP B 98 -8.63 7.29 -19.00
N PHE B 99 -9.94 7.16 -18.80
CA PHE B 99 -10.57 7.13 -17.49
C PHE B 99 -11.17 5.77 -17.17
N ASP B 100 -10.92 4.75 -17.98
CA ASP B 100 -11.62 3.46 -17.86
C ASP B 100 -11.29 2.80 -16.51
N GLY B 101 -10.01 2.80 -16.12
CA GLY B 101 -9.57 2.28 -14.81
C GLY B 101 -10.24 2.98 -13.61
N PRO B 102 -10.12 4.31 -13.46
CA PRO B 102 -10.79 5.05 -12.40
C PRO B 102 -12.33 4.91 -12.41
N ARG B 103 -12.96 4.89 -13.59
CA ARG B 103 -14.41 4.74 -13.72
C ARG B 103 -14.89 3.35 -13.31
N GLU B 104 -14.20 2.30 -13.74
CA GLU B 104 -14.53 0.93 -13.37
C GLU B 104 -14.42 0.73 -11.86
N LYS B 105 -13.36 1.24 -11.23
CA LYS B 105 -13.20 1.21 -9.77
C LYS B 105 -14.33 1.96 -9.05
N MET B 106 -14.73 3.13 -9.56
CA MET B 106 -15.82 3.92 -8.99
C MET B 106 -17.17 3.20 -9.09
N GLN B 107 -17.44 2.52 -10.20
CA GLN B 107 -18.65 1.72 -10.38
C GLN B 107 -18.68 0.54 -9.39
N LYS B 108 -17.58 -0.24 -9.30
CA LYS B 108 -17.47 -1.36 -8.36
C LYS B 108 -17.63 -0.93 -6.91
N LEU B 109 -17.12 0.25 -6.55
CA LEU B 109 -17.32 0.81 -5.21
C LEU B 109 -18.81 1.06 -4.93
N GLY B 110 -19.54 1.65 -5.89
CA GLY B 110 -20.98 1.87 -5.77
C GLY B 110 -21.81 0.58 -5.63
N GLU B 111 -21.42 -0.48 -6.35
CA GLU B 111 -22.04 -1.80 -6.22
C GLU B 111 -21.77 -2.44 -4.84
N GLY B 112 -20.61 -2.13 -4.24
CA GLY B 112 -20.19 -2.63 -2.93
C GLY B 112 -20.60 -1.76 -1.73
N GLU B 113 -21.34 -0.66 -1.92
CA GLU B 113 -21.70 0.30 -0.85
C GLU B 113 -22.33 -0.38 0.37
N GLY B 114 -23.14 -1.42 0.16
CA GLY B 114 -23.80 -2.16 1.24
C GLY B 114 -22.91 -3.14 2.03
N SER B 115 -21.69 -3.42 1.57
CA SER B 115 -20.78 -4.41 2.18
C SER B 115 -19.78 -3.81 3.17
N MET B 116 -19.71 -2.48 3.27
CA MET B 116 -18.75 -1.76 4.09
C MET B 116 -19.42 -0.66 4.91
N THR B 117 -18.70 -0.11 5.90
CA THR B 117 -19.21 1.01 6.68
C THR B 117 -19.28 2.28 5.85
N LYS B 118 -20.13 3.24 6.25
CA LYS B 118 -20.21 4.55 5.59
C LYS B 118 -18.88 5.29 5.58
N GLU B 119 -18.08 5.13 6.65
CA GLU B 119 -16.77 5.76 6.78
C GLU B 119 -15.74 5.13 5.82
N GLU B 120 -15.73 3.81 5.70
CA GLU B 120 -14.88 3.10 4.72
C GLU B 120 -15.26 3.45 3.29
N PHE B 121 -16.56 3.48 2.97
CA PHE B 121 -17.04 3.87 1.65
C PHE B 121 -16.62 5.31 1.30
N ALA B 122 -16.81 6.25 2.23
CA ALA B 122 -16.42 7.64 2.03
C ALA B 122 -14.90 7.78 1.78
N LYS B 123 -14.10 7.02 2.52
CA LYS B 123 -12.65 7.04 2.34
C LYS B 123 -12.26 6.50 0.96
N MET B 124 -12.72 5.29 0.63
CA MET B 124 -12.43 4.67 -0.66
C MET B 124 -12.88 5.55 -1.83
N LYS B 125 -14.06 6.19 -1.70
CA LYS B 125 -14.57 7.13 -2.69
C LYS B 125 -13.62 8.31 -2.88
N GLN B 126 -13.14 8.89 -1.78
CA GLN B 126 -12.19 10.01 -1.82
C GLN B 126 -10.87 9.62 -2.50
N GLU B 127 -10.33 8.42 -2.24
CA GLU B 127 -9.12 7.92 -2.88
C GLU B 127 -9.29 7.73 -4.39
N LEU B 128 -10.44 7.20 -4.82
CA LEU B 128 -10.76 7.05 -6.25
C LEU B 128 -11.00 8.39 -6.94
N GLU B 129 -11.65 9.35 -6.28
CA GLU B 129 -11.79 10.72 -6.78
C GLU B 129 -10.42 11.40 -6.96
N ALA B 130 -9.48 11.16 -6.05
CA ALA B 130 -8.11 11.65 -6.16
C ALA B 130 -7.34 10.99 -7.33
N GLU B 131 -7.51 9.69 -7.56
CA GLU B 131 -6.95 8.98 -8.73
C GLU B 131 -7.52 9.54 -10.04
N TYR B 132 -8.84 9.71 -10.11
CA TYR B 132 -9.53 10.31 -11.24
C TYR B 132 -9.01 11.73 -11.51
N LEU B 133 -8.90 12.57 -10.48
CA LEU B 133 -8.40 13.93 -10.58
C LEU B 133 -6.95 13.98 -11.07
N ALA B 134 -6.10 13.03 -10.66
CA ALA B 134 -4.71 12.95 -11.13
C ALA B 134 -4.63 12.67 -12.63
N VAL B 135 -5.40 11.69 -13.12
CA VAL B 135 -5.52 11.38 -14.56
C VAL B 135 -6.07 12.57 -15.33
N PHE B 136 -7.12 13.27 -14.74
CA PHE B 136 -7.75 14.44 -15.33
C PHE B 136 -6.76 15.61 -15.48
N LYS B 137 -5.97 15.91 -14.45
CA LYS B 137 -4.94 16.96 -14.48
C LYS B 137 -3.83 16.65 -15.49
N LYS B 138 -3.36 15.40 -15.56
CA LYS B 138 -2.37 14.97 -16.57
C LYS B 138 -2.89 15.15 -17.99
N THR B 139 -4.17 14.83 -18.20
CA THR B 139 -4.84 15.01 -19.48
C THR B 139 -4.91 16.49 -19.88
N VAL B 140 -5.43 17.36 -19.00
CA VAL B 140 -5.51 18.81 -19.24
C VAL B 140 -4.14 19.38 -19.56
N SER B 141 -3.14 19.08 -18.74
CA SER B 141 -1.75 19.47 -18.94
C SER B 141 -1.22 19.06 -20.33
N SER B 142 -1.41 17.80 -20.74
CA SER B 142 -0.93 17.34 -22.04
C SER B 142 -1.58 18.09 -23.22
N HIS B 143 -2.85 18.46 -23.10
CA HIS B 143 -3.58 19.20 -24.13
C HIS B 143 -3.14 20.67 -24.15
N GLU B 144 -2.95 21.28 -22.99
CA GLU B 144 -2.45 22.65 -22.86
C GLU B 144 -1.04 22.78 -23.45
N VAL B 145 -0.13 21.87 -23.08
CA VAL B 145 1.24 21.82 -23.60
C VAL B 145 1.28 21.73 -25.12
N PHE B 146 0.38 20.95 -25.74
CA PHE B 146 0.28 20.87 -27.19
C PHE B 146 -0.04 22.24 -27.81
N LEU B 147 -1.06 22.95 -27.30
CA LEU B 147 -1.44 24.28 -27.82
C LEU B 147 -0.36 25.33 -27.55
N GLN B 148 0.23 25.33 -26.35
CA GLN B 148 1.31 26.24 -26.00
C GLN B 148 2.50 26.06 -26.93
N ARG B 149 2.84 24.82 -27.29
CA ARG B 149 3.89 24.56 -28.29
C ARG B 149 3.57 25.14 -29.65
N LEU B 150 2.32 25.04 -30.13
CA LEU B 150 1.91 25.65 -31.39
C LEU B 150 2.00 27.19 -31.32
N SER B 151 1.49 27.79 -30.24
CA SER B 151 1.57 29.25 -30.04
C SER B 151 2.99 29.77 -29.92
N SER B 152 3.91 28.99 -29.36
CA SER B 152 5.32 29.35 -29.22
C SER B 152 6.15 29.23 -30.51
N HIS B 153 5.59 28.61 -31.56
CA HIS B 153 6.30 28.37 -32.81
C HIS B 153 6.03 29.51 -33.80
N PRO B 154 7.06 30.13 -34.41
CA PRO B 154 6.92 31.35 -35.22
C PRO B 154 6.08 31.18 -36.50
N VAL B 155 6.06 29.96 -37.06
CA VAL B 155 5.21 29.59 -38.22
C VAL B 155 3.85 29.04 -37.78
N LEU B 156 3.81 27.95 -36.99
CA LEU B 156 2.56 27.27 -36.61
C LEU B 156 1.58 28.17 -35.83
N SER B 157 2.07 29.15 -35.07
CA SER B 157 1.22 30.14 -34.37
C SER B 157 0.38 31.01 -35.31
N LYS B 158 0.70 31.04 -36.61
CA LYS B 158 0.00 31.79 -37.65
C LYS B 158 -0.87 30.90 -38.53
N ASP B 159 -0.96 29.60 -38.21
CA ASP B 159 -1.75 28.66 -38.98
C ASP B 159 -3.24 28.99 -38.89
N ARG B 160 -3.93 28.95 -40.04
CA ARG B 160 -5.36 29.28 -40.13
C ARG B 160 -6.22 28.28 -39.36
N ASN B 161 -5.91 26.98 -39.45
CA ASN B 161 -6.71 25.96 -38.77
C ASN B 161 -6.49 26.03 -37.26
N PHE B 162 -5.28 26.40 -36.82
CA PHE B 162 -5.01 26.71 -35.42
C PHE B 162 -5.81 27.93 -34.93
N HIS B 163 -5.79 29.02 -35.70
CA HIS B 163 -6.51 30.23 -35.33
C HIS B 163 -8.02 30.00 -35.35
N VAL B 164 -8.46 29.10 -36.21
CA VAL B 164 -9.88 28.78 -36.33
C VAL B 164 -10.35 27.89 -35.18
N PHE B 165 -9.42 27.15 -34.60
CA PHE B 165 -9.74 26.26 -33.49
C PHE B 165 -9.63 26.99 -32.16
N LEU B 166 -9.10 28.21 -32.20
CA LEU B 166 -8.93 29.03 -31.00
C LEU B 166 -9.90 30.20 -30.98
N GLU B 167 -9.59 31.25 -31.74
CA GLU B 167 -10.42 32.43 -31.78
C GLU B 167 -11.02 32.67 -33.17
N TYR B 168 -11.33 31.59 -33.86
CA TYR B 168 -11.91 31.68 -35.20
C TYR B 168 -13.43 31.64 -35.12
N ASP B 169 -14.07 31.18 -36.19
CA ASP B 169 -15.53 31.09 -36.24
C ASP B 169 -16.01 29.90 -35.40
N GLN B 170 -16.12 30.11 -34.09
CA GLN B 170 -16.55 29.08 -33.15
C GLN B 170 -15.80 27.78 -33.35
N ASP B 171 -16.53 26.67 -33.41
CA ASP B 171 -15.91 25.36 -33.60
C ASP B 171 -16.37 24.72 -34.91
N LEU B 172 -15.41 24.28 -35.72
CA LEU B 172 -15.71 23.66 -37.00
C LEU B 172 -15.17 22.23 -37.04
N SER B 173 -15.63 21.39 -36.12
CA SER B 173 -15.20 20.00 -36.07
C SER B 173 -16.26 19.07 -36.66
N VAL B 174 -17.24 18.71 -35.86
CA VAL B 174 -18.32 17.84 -36.31
C VAL B 174 -19.54 18.64 -36.73
N ARG B 175 -19.33 19.58 -37.64
CA ARG B 175 -20.43 20.43 -38.14
C ARG B 175 -21.16 19.76 -39.29
N ARG B 176 -20.50 18.84 -39.97
CA ARG B 176 -21.11 18.13 -41.12
C ARG B 176 -21.92 16.93 -40.62
N LYS B 177 -23.21 16.87 -40.93
CA LYS B 177 -24.07 15.77 -40.45
C LYS B 177 -23.74 14.34 -40.92
N ASN B 178 -23.39 14.17 -42.19
CA ASN B 178 -23.10 12.83 -42.73
C ASN B 178 -21.87 12.10 -42.18
N THR B 179 -22.04 10.79 -41.91
CA THR B 179 -20.95 9.95 -41.41
C THR B 179 -20.18 9.26 -42.54
N LYS B 180 -20.74 9.30 -43.74
CA LYS B 180 -20.14 8.71 -44.96
C LYS B 180 -18.64 9.00 -44.98
N GLU B 181 -18.24 10.22 -44.61
CA GLU B 181 -16.80 10.60 -44.60
C GLU B 181 -16.05 9.73 -43.59
N MET B 182 -16.65 9.48 -42.42
CA MET B 182 -16.03 8.66 -41.35
C MET B 182 -15.82 7.22 -41.86
N PHE B 183 -16.81 6.67 -42.57
CA PHE B 183 -16.72 5.28 -43.11
C PHE B 183 -15.54 5.17 -44.07
N GLY B 184 -15.36 6.17 -44.94
CA GLY B 184 -14.26 6.16 -45.91
C GLY B 184 -12.90 6.16 -45.23
N GLY B 185 -12.76 6.96 -44.16
CA GLY B 185 -11.50 7.06 -43.41
C GLY B 185 -11.15 5.76 -42.71
N PHE B 186 -12.15 5.09 -42.13
CA PHE B 186 -11.93 3.82 -41.40
C PHE B 186 -11.38 2.75 -42.36
N PHE B 187 -11.91 2.70 -43.59
CA PHE B 187 -11.48 1.69 -44.59
C PHE B 187 -9.99 1.88 -44.91
N LYS B 188 -9.55 3.14 -45.06
CA LYS B 188 -8.13 3.43 -45.36
C LYS B 188 -7.21 2.75 -44.33
N SER B 189 -7.62 2.74 -43.07
CA SER B 189 -6.79 2.16 -41.97
C SER B 189 -6.53 0.66 -42.20
N VAL B 190 -7.55 -0.11 -42.62
CA VAL B 190 -7.36 -1.58 -42.84
C VAL B 190 -6.33 -1.77 -43.97
N VAL B 191 -6.44 -0.95 -45.02
CA VAL B 191 -5.52 -0.96 -46.19
C VAL B 191 -4.20 -0.27 -45.82
N LYS B 192 -4.30 0.83 -45.08
CA LYS B 192 -3.11 1.64 -44.67
C LYS B 192 -2.23 0.86 -43.69
N SER B 193 -2.85 0.19 -42.72
CA SER B 193 -2.11 -0.57 -41.68
C SER B 193 -1.16 -1.59 -42.34
N ALA B 194 -1.60 -2.24 -43.42
CA ALA B 194 -0.79 -3.27 -44.10
C ALA B 194 0.52 -2.67 -44.64
N ASP B 195 0.47 -1.46 -45.21
CA ASP B 195 1.68 -0.83 -45.80
C ASP B 195 2.76 -0.65 -44.72
N GLU B 196 2.36 -0.21 -43.51
CA GLU B 196 3.31 0.03 -42.39
C GLU B 196 3.85 -1.31 -41.90
N VAL B 197 2.98 -2.31 -41.79
CA VAL B 197 3.40 -3.67 -41.31
C VAL B 197 4.40 -4.26 -42.31
N LEU B 198 4.12 -4.13 -43.61
CA LEU B 198 5.03 -4.68 -44.66
C LEU B 198 6.39 -3.97 -44.62
N PHE B 199 6.37 -2.65 -44.42
CA PHE B 199 7.58 -1.77 -44.41
C PHE B 199 8.59 -2.15 -43.33
N THR B 200 8.18 -2.85 -42.27
CA THR B 200 9.09 -3.22 -41.15
C THR B 200 10.26 -4.06 -41.68
N GLY B 201 10.01 -4.98 -42.61
CA GLY B 201 11.10 -5.82 -43.17
C GLY B 201 11.83 -5.10 -44.29
N VAL B 202 12.79 -4.25 -43.94
CA VAL B 202 13.58 -3.45 -44.92
C VAL B 202 15.03 -3.36 -44.44
N LYS B 203 15.96 -3.08 -45.36
CA LYS B 203 17.41 -3.00 -45.01
C LYS B 203 17.93 -1.59 -45.32
N GLU B 204 18.60 -0.95 -44.37
CA GLU B 204 19.11 0.40 -44.57
C GLU B 204 20.12 0.47 -45.70
N VAL B 205 20.05 1.54 -46.48
CA VAL B 205 20.96 1.72 -47.61
C VAL B 205 22.00 2.79 -47.33
N ASP B 206 22.91 2.97 -48.28
CA ASP B 206 23.98 3.96 -48.16
C ASP B 206 24.74 3.86 -46.84
N ASP B 207 24.96 5.00 -46.21
CA ASP B 207 25.67 5.05 -44.94
C ASP B 207 24.88 5.84 -43.91
N PHE B 208 23.76 6.41 -44.34
CA PHE B 208 22.91 7.19 -43.45
C PHE B 208 21.93 6.30 -42.69
N PHE B 209 21.28 6.86 -41.68
CA PHE B 209 20.34 6.10 -40.86
C PHE B 209 20.95 4.78 -40.46
N GLU B 210 21.94 4.83 -39.58
CA GLU B 210 22.62 3.61 -39.12
C GLU B 210 22.56 3.43 -37.61
N GLN B 211 23.56 3.93 -36.91
CA GLN B 211 23.64 3.80 -35.46
C GLN B 211 22.47 4.40 -34.69
N GLU B 212 22.02 5.57 -35.11
CA GLU B 212 20.93 6.28 -34.40
C GLU B 212 19.71 5.44 -34.37
N LYS B 213 19.33 4.73 -35.48
CA LYS B 213 18.10 3.97 -35.57
C LYS B 213 17.95 2.96 -34.49
N ASN B 214 18.93 2.07 -34.41
CA ASN B 214 18.90 1.02 -33.35
C ASN B 214 18.88 1.69 -31.96
N PHE B 215 19.41 2.91 -31.86
CA PHE B 215 19.37 3.64 -30.55
C PHE B 215 17.92 3.92 -30.17
N LEU B 216 17.21 4.72 -30.99
CA LEU B 216 15.76 4.93 -30.78
C LEU B 216 15.14 3.56 -30.53
N ILE B 217 15.39 2.61 -31.44
CA ILE B 217 14.91 1.25 -31.26
C ILE B 217 15.18 0.77 -29.83
N ASN B 218 16.40 1.03 -29.34
CA ASN B 218 16.77 0.57 -28.01
C ASN B 218 16.12 1.41 -26.92
N TYR B 219 16.05 2.73 -27.12
CA TYR B 219 15.50 3.60 -26.09
C TYR B 219 14.00 3.39 -25.90
N TYR B 220 13.27 3.06 -26.97
CA TYR B 220 11.84 2.81 -26.84
C TYR B 220 11.56 1.68 -25.86
N ASN B 221 12.32 0.60 -25.95
CA ASN B 221 12.12 -0.52 -25.03
C ASN B 221 12.47 -0.11 -23.60
N ARG B 222 13.55 0.64 -23.42
CA ARG B 222 13.88 1.12 -22.08
C ARG B 222 12.84 2.11 -21.58
N ILE B 223 12.30 2.94 -22.47
CA ILE B 223 11.24 3.88 -22.09
C ILE B 223 9.97 3.11 -21.71
N LYS B 224 9.59 2.11 -22.50
CA LYS B 224 8.37 1.37 -22.22
C LYS B 224 8.49 0.59 -20.91
N ASP B 225 9.65 -0.02 -20.67
CA ASP B 225 9.84 -0.78 -19.45
C ASP B 225 9.75 0.12 -18.22
N SER B 226 10.40 1.30 -18.27
CA SER B 226 10.33 2.23 -17.15
C SER B 226 8.93 2.81 -16.99
N CYS B 227 8.08 2.70 -18.01
CA CYS B 227 6.71 3.22 -17.90
C CYS B 227 5.81 2.26 -17.13
N VAL B 228 5.90 0.96 -17.42
CA VAL B 228 5.06 -0.01 -16.72
C VAL B 228 5.53 -0.20 -15.29
N LYS B 229 6.84 -0.15 -15.06
CA LYS B 229 7.36 -0.22 -13.70
C LYS B 229 6.92 1.00 -12.89
N ALA B 230 6.93 2.18 -13.51
CA ALA B 230 6.44 3.37 -12.84
C ALA B 230 4.96 3.23 -12.50
N ASP B 231 4.17 2.73 -13.45
CA ASP B 231 2.73 2.59 -13.20
C ASP B 231 2.46 1.63 -12.06
N LYS B 232 3.19 0.51 -12.01
CA LYS B 232 3.01 -0.43 -10.91
C LYS B 232 3.36 0.20 -9.57
N MET B 233 4.41 1.02 -9.55
CA MET B 233 4.84 1.62 -8.29
C MET B 233 3.77 2.56 -7.73
N THR B 234 3.22 3.43 -8.58
CA THR B 234 2.21 4.38 -8.10
C THR B 234 0.93 3.66 -7.69
N ARG B 235 0.54 2.61 -8.43
CA ARG B 235 -0.66 1.88 -8.07
C ARG B 235 -0.48 1.15 -6.73
N SER B 236 0.76 0.89 -6.36
CA SER B 236 1.00 0.24 -5.08
C SER B 236 0.89 1.34 -4.02
N HIS B 237 1.28 2.55 -4.40
CA HIS B 237 1.21 3.70 -3.51
C HIS B 237 -0.24 3.96 -3.09
N LYS B 238 -1.14 3.95 -4.07
CA LYS B 238 -2.56 4.18 -3.80
C LYS B 238 -3.14 3.07 -2.91
N ASN B 239 -2.63 1.86 -3.08
CA ASN B 239 -3.06 0.73 -2.27
C ASN B 239 -2.70 0.99 -0.82
N VAL B 240 -1.50 1.52 -0.61
CA VAL B 240 -1.02 1.86 0.72
C VAL B 240 -1.89 2.96 1.33
N ALA B 241 -2.25 3.93 0.49
CA ALA B 241 -3.09 5.05 0.90
C ALA B 241 -4.47 4.55 1.34
N ASP B 242 -4.99 3.58 0.59
CA ASP B 242 -6.29 3.00 0.90
C ASP B 242 -6.26 2.35 2.27
N ASP B 243 -5.16 1.67 2.60
CA ASP B 243 -5.04 1.03 3.90
C ASP B 243 -5.09 2.06 5.02
N TYR B 244 -4.49 3.22 4.78
CA TYR B 244 -4.45 4.26 5.81
C TYR B 244 -5.86 4.65 6.23
N ILE B 245 -6.75 4.81 5.25
CA ILE B 245 -8.15 5.14 5.49
C ILE B 245 -8.91 4.01 6.20
N HIS B 246 -8.69 2.78 5.74
CA HIS B 246 -9.29 1.60 6.37
C HIS B 246 -8.77 1.41 7.78
N THR B 247 -7.48 1.69 8.00
CA THR B 247 -6.91 1.58 9.34
C THR B 247 -7.50 2.64 10.27
N ALA B 248 -7.59 3.88 9.81
CA ALA B 248 -8.17 4.93 10.63
C ALA B 248 -9.63 4.63 10.97
N ALA B 249 -10.32 3.91 10.10
CA ALA B 249 -11.72 3.54 10.39
C ALA B 249 -11.79 2.56 11.54
N CYS B 250 -10.96 1.50 11.52
CA CYS B 250 -10.97 0.52 12.60
C CYS B 250 -10.45 1.13 13.89
N LEU B 251 -9.45 2.02 13.81
CA LEU B 251 -8.99 2.73 14.99
C LEU B 251 -10.12 3.55 15.61
N HIS B 252 -10.79 4.37 14.78
CA HIS B 252 -11.92 5.14 15.27
C HIS B 252 -13.00 4.23 15.87
N SER B 253 -13.37 3.18 15.13
CA SER B 253 -14.38 2.24 15.62
C SER B 253 -13.93 1.60 16.93
N LEU B 254 -12.64 1.26 17.03
CA LEU B 254 -12.13 0.62 18.25
C LEU B 254 -12.18 1.58 19.43
N ALA B 255 -11.84 2.85 19.20
CA ALA B 255 -11.75 3.81 20.29
C ALA B 255 -13.09 4.13 20.93
N LEU B 256 -14.20 3.70 20.34
CA LEU B 256 -15.53 4.00 20.88
C LEU B 256 -15.70 3.41 22.27
N GLU B 257 -15.82 2.09 22.37
CA GLU B 257 -15.94 1.43 23.67
C GLU B 257 -14.54 1.26 24.26
N GLU B 258 -14.26 2.00 25.34
CA GLU B 258 -12.95 1.98 25.97
C GLU B 258 -12.88 3.00 27.09
N PRO B 259 -12.01 2.82 28.08
CA PRO B 259 -11.81 3.85 29.10
C PRO B 259 -11.48 5.20 28.45
N THR B 260 -12.04 6.27 29.02
CA THR B 260 -11.93 7.58 28.40
C THR B 260 -10.49 8.02 28.23
N VAL B 261 -9.59 7.60 29.12
CA VAL B 261 -8.20 8.03 29.05
C VAL B 261 -7.58 7.66 27.71
N ILE B 262 -7.74 6.39 27.31
CA ILE B 262 -7.19 5.95 26.03
C ILE B 262 -8.12 6.26 24.88
N LYS B 263 -9.41 6.48 25.14
CA LYS B 263 -10.36 6.74 24.06
C LYS B 263 -9.96 7.98 23.25
N LYS B 264 -9.54 9.05 23.94
CA LYS B 264 -9.15 10.25 23.22
C LYS B 264 -7.84 10.05 22.48
N TYR B 265 -6.90 9.31 23.07
CA TYR B 265 -5.64 9.03 22.38
C TYR B 265 -5.87 8.33 21.06
N LEU B 266 -6.77 7.34 21.03
CA LEU B 266 -7.02 6.59 19.82
C LEU B 266 -7.63 7.45 18.73
N LEU B 267 -8.54 8.36 19.11
CA LEU B 267 -9.14 9.23 18.11
C LEU B 267 -8.12 10.15 17.47
N LYS B 268 -7.05 10.50 18.20
CA LYS B 268 -6.02 11.35 17.62
C LYS B 268 -5.18 10.60 16.59
N VAL B 269 -5.01 9.28 16.75
CA VAL B 269 -4.26 8.52 15.77
C VAL B 269 -5.13 8.18 14.57
N ALA B 270 -6.43 7.93 14.79
CA ALA B 270 -7.33 7.75 13.66
C ALA B 270 -7.44 9.04 12.84
N GLU B 271 -7.52 10.18 13.53
CA GLU B 271 -7.49 11.47 12.84
C GLU B 271 -6.20 11.62 12.05
N LEU B 272 -5.09 11.10 12.59
CA LEU B 272 -3.82 11.18 11.89
C LEU B 272 -3.84 10.38 10.60
N PHE B 273 -4.23 9.10 10.68
CA PHE B 273 -4.22 8.26 9.50
C PHE B 273 -5.20 8.75 8.45
N GLU B 274 -6.26 9.44 8.86
CA GLU B 274 -7.16 10.05 7.89
C GLU B 274 -6.45 11.11 7.07
N LYS B 275 -5.53 11.85 7.70
CA LYS B 275 -4.77 12.87 6.99
C LYS B 275 -3.62 12.25 6.19
N LEU B 276 -2.94 11.25 6.77
CA LEU B 276 -1.83 10.61 6.06
C LEU B 276 -2.30 9.92 4.78
N ARG B 277 -3.52 9.44 4.78
CA ARG B 277 -4.06 8.82 3.60
C ARG B 277 -4.14 9.87 2.49
N LYS B 278 -4.44 11.10 2.86
CA LYS B 278 -4.65 12.18 1.90
C LYS B 278 -3.36 12.55 1.19
N VAL B 279 -2.23 12.50 1.91
CA VAL B 279 -0.94 12.83 1.32
C VAL B 279 -0.41 11.67 0.48
N GLU B 280 -0.63 10.43 0.93
CA GLU B 280 -0.15 9.28 0.17
C GLU B 280 -0.84 9.20 -1.18
N GLY B 281 -2.17 9.33 -1.20
CA GLY B 281 -2.87 9.41 -2.47
C GLY B 281 -2.41 10.58 -3.31
N ARG B 282 -2.02 11.69 -2.67
CA ARG B 282 -1.54 12.85 -3.40
C ARG B 282 -0.15 12.61 -3.99
N VAL B 283 0.71 11.88 -3.25
CA VAL B 283 2.03 11.59 -3.79
C VAL B 283 1.94 10.58 -4.90
N SER B 284 0.95 9.69 -4.87
CA SER B 284 0.75 8.76 -5.97
C SER B 284 0.31 9.48 -7.23
N SER B 285 -0.59 10.45 -7.09
CA SER B 285 -1.09 11.17 -8.26
C SER B 285 0.02 12.01 -8.90
N ASP B 286 0.72 12.82 -8.09
CA ASP B 286 1.82 13.61 -8.62
C ASP B 286 2.89 12.72 -9.22
N GLU B 287 3.10 11.53 -8.63
CA GLU B 287 4.04 10.58 -9.20
C GLU B 287 3.56 10.12 -10.58
N ASP B 288 2.26 9.83 -10.70
CA ASP B 288 1.71 9.45 -12.00
C ASP B 288 1.90 10.56 -13.02
N LEU B 289 1.77 11.82 -12.59
CA LEU B 289 1.81 12.93 -13.53
C LEU B 289 3.22 13.24 -14.01
N LYS B 290 4.18 13.31 -13.08
CA LYS B 290 5.51 13.79 -13.42
C LYS B 290 6.38 12.70 -14.04
N LEU B 291 6.30 11.47 -13.55
CA LEU B 291 7.17 10.42 -14.06
C LEU B 291 6.44 9.54 -15.08
N THR B 292 5.41 8.83 -14.63
CA THR B 292 4.69 7.92 -15.52
C THR B 292 4.21 8.64 -16.78
N GLU B 293 3.70 9.85 -16.63
CA GLU B 293 3.17 10.56 -17.79
C GLU B 293 4.30 11.08 -18.66
N LEU B 294 5.39 11.57 -18.05
CA LEU B 294 6.57 11.94 -18.82
C LEU B 294 7.07 10.78 -19.66
N LEU B 295 7.09 9.58 -19.08
CA LEU B 295 7.56 8.41 -19.81
C LEU B 295 6.56 7.99 -20.88
N ARG B 296 5.27 8.09 -20.59
CA ARG B 296 4.26 7.81 -21.62
C ARG B 296 4.45 8.72 -22.82
N TYR B 297 4.65 10.00 -22.58
CA TYR B 297 4.76 10.96 -23.69
C TYR B 297 5.87 10.58 -24.65
N TYR B 298 7.08 10.39 -24.12
CA TYR B 298 8.23 10.13 -24.99
C TYR B 298 8.31 8.68 -25.46
N MET B 299 7.39 7.82 -25.02
CA MET B 299 7.25 6.52 -25.64
C MET B 299 6.54 6.65 -26.98
N LEU B 300 5.53 7.52 -27.05
CA LEU B 300 4.88 7.82 -28.33
C LEU B 300 5.70 8.79 -29.16
N ASN B 301 6.46 9.68 -28.52
CA ASN B 301 7.30 10.62 -29.25
C ASN B 301 8.44 9.89 -29.97
N ILE B 302 9.04 8.89 -29.31
CA ILE B 302 10.03 8.07 -29.99
C ILE B 302 9.41 7.38 -31.20
N GLU B 303 8.20 6.86 -31.04
CA GLU B 303 7.51 6.22 -32.16
C GLU B 303 7.37 7.17 -33.34
N ALA B 304 7.09 8.45 -33.06
CA ALA B 304 6.95 9.42 -34.14
C ALA B 304 8.28 9.68 -34.83
N ALA B 305 9.35 9.85 -34.06
CA ALA B 305 10.66 10.04 -34.66
C ALA B 305 11.05 8.85 -35.53
N LYS B 306 10.64 7.64 -35.14
CA LYS B 306 10.94 6.46 -35.95
C LYS B 306 10.22 6.50 -37.29
N ASP B 307 9.01 7.08 -37.33
CA ASP B 307 8.33 7.22 -38.61
C ASP B 307 9.05 8.21 -39.53
N LEU B 308 9.75 9.20 -38.96
CA LEU B 308 10.54 10.10 -39.78
C LEU B 308 11.66 9.36 -40.49
N LEU B 309 12.45 8.58 -39.75
CA LEU B 309 13.51 7.80 -40.37
C LEU B 309 12.94 6.85 -41.42
N TYR B 310 11.79 6.26 -41.15
CA TYR B 310 11.17 5.35 -42.11
C TYR B 310 10.90 6.06 -43.43
N ARG B 311 10.40 7.29 -43.37
CA ARG B 311 10.09 8.03 -44.60
C ARG B 311 11.36 8.50 -45.30
N ARG B 312 12.36 8.94 -44.53
CA ARG B 312 13.61 9.38 -45.15
C ARG B 312 14.22 8.27 -45.98
N THR B 313 14.34 7.08 -45.38
CA THR B 313 14.97 5.93 -46.09
C THR B 313 14.04 5.45 -47.20
N LYS B 314 12.73 5.61 -47.03
CA LYS B 314 11.79 5.24 -48.13
C LYS B 314 12.28 5.95 -49.40
N ALA B 315 12.65 7.22 -49.28
CA ALA B 315 13.18 7.98 -50.44
C ALA B 315 14.40 7.24 -50.99
N LEU B 316 15.25 6.72 -50.11
CA LEU B 316 16.39 6.03 -50.56
C LEU B 316 16.05 4.88 -51.42
N ILE B 317 15.06 4.10 -51.00
CA ILE B 317 14.70 2.95 -51.81
C ILE B 317 14.12 3.37 -53.15
N ASP B 318 13.34 4.47 -53.13
CA ASP B 318 12.85 5.15 -54.34
C ASP B 318 13.94 5.59 -55.32
N TYR B 319 15.04 6.15 -54.81
CA TYR B 319 16.23 6.55 -55.60
C TYR B 319 16.90 5.38 -56.23
N GLU B 320 17.01 4.17 -55.62
CA GLU B 320 17.48 2.94 -56.24
C GLU B 320 16.60 2.43 -57.30
N ASN B 321 15.29 2.48 -57.11
CA ASN B 321 14.23 2.02 -58.00
C ASN B 321 14.32 2.82 -59.22
N SER B 322 14.47 4.16 -59.12
CA SER B 322 14.70 5.08 -60.21
C SER B 322 15.95 4.79 -61.00
N ASN B 323 17.05 4.37 -60.37
CA ASN B 323 18.32 4.18 -61.16
C ASN B 323 18.13 2.94 -62.02
N LYS B 324 17.70 1.84 -61.42
CA LYS B 324 17.45 0.63 -62.14
C LYS B 324 16.59 0.87 -63.35
N ALA B 325 15.57 1.78 -63.28
CA ALA B 325 14.78 2.35 -64.41
C ALA B 325 15.67 3.22 -65.40
N LEU B 326 16.56 4.12 -64.90
CA LEU B 326 17.39 4.80 -65.92
C LEU B 326 18.34 3.90 -66.65
N ASP B 327 19.05 2.88 -65.99
CA ASP B 327 20.05 2.02 -66.55
C ASP B 327 19.50 1.38 -67.84
N LYS B 328 18.27 0.87 -67.75
CA LYS B 328 17.63 0.23 -68.93
C LYS B 328 17.17 1.28 -69.94
N ALA B 329 16.65 2.42 -69.46
CA ALA B 329 16.16 3.49 -70.36
C ALA B 329 17.30 4.01 -71.24
N ARG B 330 18.51 4.12 -70.69
CA ARG B 330 19.69 4.60 -71.46
C ARG B 330 20.02 3.61 -72.58
N LEU B 331 19.94 2.31 -72.30
CA LEU B 331 20.30 1.28 -73.31
C LEU B 331 19.39 1.41 -74.53
N LYS B 332 18.08 1.57 -74.32
CA LYS B 332 17.11 1.68 -75.44
C LYS B 332 17.01 3.14 -75.91
N SER B 333 17.58 4.08 -75.16
CA SER B 333 17.56 5.53 -75.51
C SER B 333 16.15 5.98 -75.93
N LYS B 334 15.15 5.72 -75.08
CA LYS B 334 13.75 6.10 -75.38
C LYS B 334 13.25 7.14 -74.38
N ASP B 335 13.13 6.76 -73.10
CA ASP B 335 12.60 7.68 -72.07
C ASP B 335 13.71 8.05 -71.08
N VAL B 336 14.91 8.36 -71.60
CA VAL B 336 16.07 8.68 -70.72
C VAL B 336 15.72 9.89 -69.84
N LYS B 337 15.33 11.02 -70.46
CA LYS B 337 15.04 12.25 -69.68
C LYS B 337 13.97 11.97 -68.61
N LEU B 338 12.91 11.25 -68.96
CA LEU B 338 11.84 10.93 -68.03
C LEU B 338 12.41 10.18 -66.83
N ALA B 339 13.25 9.15 -66.98
CA ALA B 339 13.80 8.36 -65.89
C ALA B 339 14.93 9.06 -65.17
N GLU B 340 15.74 9.95 -65.83
CA GLU B 340 16.72 10.91 -65.36
C GLU B 340 16.06 11.80 -64.43
N ALA B 341 14.92 12.49 -64.80
CA ALA B 341 14.18 13.44 -63.96
C ALA B 341 13.67 12.72 -62.73
N HIS B 342 13.22 11.49 -62.92
CA HIS B 342 12.70 10.73 -61.79
C HIS B 342 13.80 10.50 -60.76
N GLN B 343 14.99 10.17 -61.25
CA GLN B 343 16.14 9.94 -60.37
C GLN B 343 16.56 11.21 -59.63
N GLN B 344 16.53 12.34 -60.32
CA GLN B 344 16.93 13.62 -59.75
C GLN B 344 16.05 14.09 -58.59
N GLU B 345 14.74 13.90 -58.71
CA GLU B 345 13.84 14.32 -57.68
C GLU B 345 13.91 13.40 -56.49
N CYS B 346 14.19 12.09 -56.60
CA CYS B 346 14.22 11.15 -55.44
C CYS B 346 15.54 11.19 -54.78
N CYS B 347 16.61 11.56 -55.56
CA CYS B 347 17.84 11.98 -54.93
C CYS B 347 17.76 13.15 -53.99
N GLN B 348 17.22 14.24 -54.55
CA GLN B 348 17.14 15.53 -53.79
C GLN B 348 15.88 15.58 -52.90
N LYS B 349 14.81 14.87 -53.22
CA LYS B 349 13.65 14.82 -52.28
C LYS B 349 14.16 14.13 -51.03
N PHE B 350 15.03 13.13 -51.21
CA PHE B 350 15.63 12.43 -50.05
C PHE B 350 16.40 13.46 -49.22
N GLU B 351 17.17 14.33 -49.86
CA GLU B 351 17.97 15.37 -49.15
C GLU B 351 17.02 16.34 -48.43
N GLN B 352 15.92 16.72 -49.07
CA GLN B 352 14.94 17.67 -48.47
C GLN B 352 14.33 17.04 -47.22
N LEU B 353 13.98 15.76 -47.29
CA LEU B 353 13.44 15.06 -46.10
C LEU B 353 14.58 14.91 -45.12
N SER B 354 15.78 14.62 -45.65
CA SER B 354 16.94 14.41 -44.79
C SER B 354 17.27 15.65 -43.98
N GLU B 355 17.11 16.84 -44.59
CA GLU B 355 17.35 18.08 -43.86
C GLU B 355 16.29 18.27 -42.77
N SER B 356 15.02 18.23 -43.15
CA SER B 356 13.94 18.43 -42.17
C SER B 356 13.95 17.35 -41.10
N ALA B 357 14.32 16.12 -41.47
CA ALA B 357 14.39 15.05 -40.48
C ALA B 357 15.42 15.35 -39.40
N LYS B 358 16.67 15.60 -39.82
CA LYS B 358 17.72 15.93 -38.86
C LYS B 358 17.38 17.19 -38.08
N GLU B 359 16.72 18.16 -38.72
CA GLU B 359 16.32 19.37 -38.00
C GLU B 359 15.30 19.07 -36.91
N GLU B 360 14.46 18.05 -37.12
CA GLU B 360 13.42 17.71 -36.17
C GLU B 360 13.92 16.74 -35.10
N LEU B 361 14.76 15.77 -35.48
CA LEU B 361 15.34 14.87 -34.49
C LEU B 361 16.15 15.66 -33.46
N ILE B 362 16.99 16.58 -33.93
CA ILE B 362 17.74 17.44 -33.01
C ILE B 362 16.78 18.27 -32.16
N ASN B 363 15.68 18.70 -32.79
CA ASN B 363 14.67 19.46 -32.08
C ASN B 363 14.10 18.60 -30.96
N PHE B 364 13.81 17.34 -31.28
CA PHE B 364 13.29 16.40 -30.30
C PHE B 364 14.26 16.27 -29.13
N LYS B 365 15.53 15.98 -29.41
CA LYS B 365 16.53 15.85 -28.36
C LYS B 365 16.49 17.04 -27.41
N ARG B 366 16.54 18.26 -27.96
CA ARG B 366 16.54 19.45 -27.12
C ARG B 366 15.27 19.54 -26.28
N LYS B 367 14.12 19.22 -26.86
CA LYS B 367 12.87 19.26 -26.10
C LYS B 367 12.81 18.15 -25.05
N ARG B 368 13.40 16.99 -25.34
CA ARG B 368 13.36 15.91 -24.35
C ARG B 368 14.20 16.24 -23.13
N VAL B 369 15.37 16.87 -23.33
CA VAL B 369 16.22 17.25 -22.21
C VAL B 369 15.51 18.27 -21.32
N ALA B 370 14.83 19.24 -21.94
CA ALA B 370 14.11 20.24 -21.17
C ALA B 370 12.95 19.63 -20.41
N ALA B 371 12.25 18.67 -21.04
CA ALA B 371 11.11 18.03 -20.37
C ALA B 371 11.56 17.24 -19.15
N PHE B 372 12.51 16.32 -19.34
CA PHE B 372 13.04 15.55 -18.21
C PHE B 372 13.51 16.46 -17.09
N ARG B 373 14.33 17.46 -17.42
CA ARG B 373 14.79 18.39 -16.40
C ARG B 373 13.61 19.04 -15.68
N LYS B 374 12.58 19.44 -16.43
CA LYS B 374 11.44 20.12 -15.84
C LYS B 374 10.69 19.20 -14.89
N ASN B 375 10.35 17.99 -15.34
CA ASN B 375 9.58 17.08 -14.49
C ASN B 375 10.38 16.63 -13.28
N LEU B 376 11.65 16.28 -13.48
CA LEU B 376 12.49 15.88 -12.36
C LEU B 376 12.54 16.97 -11.29
N ILE B 377 12.67 18.23 -11.71
CA ILE B 377 12.66 19.33 -10.76
C ILE B 377 11.32 19.41 -10.04
N GLU B 378 10.23 19.41 -10.80
CA GLU B 378 8.90 19.52 -10.19
C GLU B 378 8.62 18.36 -9.26
N MET B 379 8.87 17.13 -9.73
CA MET B 379 8.64 15.95 -8.90
C MET B 379 9.39 16.07 -7.58
N SER B 380 10.67 16.46 -7.64
CA SER B 380 11.45 16.61 -6.42
C SER B 380 10.81 17.62 -5.48
N GLU B 381 10.30 18.73 -6.01
CA GLU B 381 9.65 19.73 -5.18
C GLU B 381 8.39 19.18 -4.52
N LEU B 382 7.60 18.40 -5.28
CA LEU B 382 6.38 17.83 -4.71
C LEU B 382 6.71 16.77 -3.68
N GLU B 383 7.69 15.91 -3.96
CA GLU B 383 8.11 14.92 -2.97
C GLU B 383 8.54 15.58 -1.68
N ILE B 384 9.27 16.69 -1.77
CA ILE B 384 9.69 17.41 -0.57
C ILE B 384 8.49 18.04 0.12
N LYS B 385 7.54 18.58 -0.65
CA LYS B 385 6.36 19.18 -0.06
C LYS B 385 5.60 18.18 0.79
N HIS B 386 5.33 16.99 0.23
CA HIS B 386 4.54 16.00 0.96
C HIS B 386 5.33 15.41 2.13
N ALA B 387 6.63 15.21 1.95
CA ALA B 387 7.45 14.68 3.04
C ALA B 387 7.41 15.61 4.24
N ARG B 388 7.60 16.91 4.01
CA ARG B 388 7.52 17.86 5.12
C ARG B 388 6.12 17.90 5.71
N ASN B 389 5.10 17.76 4.88
CA ASN B 389 3.73 17.77 5.38
C ASN B 389 3.48 16.61 6.33
N ASN B 390 3.99 15.42 5.99
CA ASN B 390 3.83 14.27 6.87
C ASN B 390 4.65 14.44 8.14
N VAL B 391 5.86 15.00 8.02
CA VAL B 391 6.71 15.19 9.20
C VAL B 391 6.01 16.07 10.22
N SER B 392 5.44 17.20 9.77
CA SER B 392 4.72 18.07 10.69
C SER B 392 3.51 17.36 11.27
N LEU B 393 2.77 16.61 10.46
CA LEU B 393 1.62 15.88 10.96
C LEU B 393 2.03 14.88 12.03
N LEU B 394 3.00 14.01 11.72
CA LEU B 394 3.46 13.03 12.69
C LEU B 394 4.15 13.70 13.87
N GLN B 395 4.86 14.80 13.61
CA GLN B 395 5.57 15.49 14.69
C GLN B 395 4.60 16.01 15.74
N SER B 396 3.59 16.77 15.31
CA SER B 396 2.65 17.35 16.26
C SER B 396 1.94 16.28 17.07
N CYS B 397 1.55 15.17 16.43
CA CYS B 397 0.89 14.11 17.15
C CYS B 397 1.81 13.46 18.17
N ILE B 398 3.07 13.27 17.81
CA ILE B 398 4.04 12.68 18.74
C ILE B 398 4.30 13.63 19.91
N ASP B 399 4.58 14.90 19.60
CA ASP B 399 4.77 15.88 20.67
C ASP B 399 3.51 16.04 21.51
N LEU B 400 2.34 15.74 20.93
CA LEU B 400 1.10 15.81 21.69
C LEU B 400 1.06 14.74 22.77
N PHE B 401 1.41 13.50 22.41
CA PHE B 401 1.35 12.40 23.37
C PHE B 401 2.47 12.50 24.40
N LYS B 402 3.69 12.78 23.96
CA LYS B 402 4.80 12.97 24.90
C LYS B 402 4.45 14.00 25.96
N ASN B 403 3.71 15.03 25.58
CA ASN B 403 3.24 16.06 26.50
C ASN B 403 1.72 15.93 26.62
N ASN B 404 1.30 14.81 27.22
CA ASN B 404 -0.11 14.47 27.35
C ASN B 404 -0.96 15.66 27.77
N SER C 1 -26.37 7.10 -13.98
CA SER C 1 -25.78 6.73 -15.26
C SER C 1 -24.95 7.84 -15.87
N ASN C 2 -25.11 9.09 -15.44
CA ASN C 2 -24.49 10.24 -16.10
C ASN C 2 -23.76 11.11 -15.07
N VAL C 3 -22.83 10.51 -14.34
CA VAL C 3 -21.99 11.27 -13.41
C VAL C 3 -20.90 11.97 -14.22
N SER C 4 -20.83 13.27 -14.06
CA SER C 4 -19.83 14.09 -14.74
C SER C 4 -19.08 14.91 -13.71
N TYR C 5 -17.78 15.10 -13.94
CA TYR C 5 -16.93 15.86 -13.06
C TYR C 5 -16.39 17.08 -13.77
N LYS C 6 -16.42 18.21 -13.08
CA LYS C 6 -15.89 19.47 -13.57
C LYS C 6 -14.56 19.76 -12.87
N TYR C 7 -13.55 20.04 -13.66
CA TYR C 7 -12.21 20.36 -13.19
C TYR C 7 -11.94 21.82 -13.54
N SER C 8 -11.65 22.65 -12.55
CA SER C 8 -11.55 24.09 -12.71
C SER C 8 -10.30 24.65 -12.05
N LYS C 9 -9.68 25.65 -12.67
CA LYS C 9 -8.51 26.33 -12.15
C LYS C 9 -8.89 27.72 -11.70
N VAL C 10 -8.72 28.00 -10.41
CA VAL C 10 -9.01 29.32 -9.88
C VAL C 10 -7.69 29.99 -9.53
N GLU C 22 -4.32 26.70 -8.30
CA GLU C 22 -5.30 26.01 -7.46
C GLU C 22 -6.41 25.40 -8.33
N TRP C 23 -6.57 24.08 -8.22
CA TRP C 23 -7.54 23.33 -9.03
C TRP C 23 -8.56 22.67 -8.11
N LEU C 24 -9.84 22.77 -8.47
CA LEU C 24 -10.91 22.12 -7.73
C LEU C 24 -11.76 21.27 -8.67
N MET C 25 -12.15 20.09 -8.19
CA MET C 25 -12.97 19.15 -8.95
C MET C 25 -14.34 19.01 -8.30
N GLU C 26 -15.39 19.20 -9.09
CA GLU C 26 -16.76 19.15 -8.61
C GLU C 26 -17.50 18.00 -9.27
N GLU C 27 -18.17 17.19 -8.46
CA GLU C 27 -19.11 16.20 -8.98
C GLU C 27 -20.37 16.90 -9.46
N ILE C 28 -20.87 16.48 -10.61
CA ILE C 28 -22.13 16.99 -11.15
C ILE C 28 -23.05 15.79 -11.40
N GLN C 29 -24.20 15.79 -10.74
CA GLN C 29 -25.12 14.66 -10.71
C GLN C 29 -26.37 15.04 -11.50
N LEU C 30 -26.60 14.38 -12.63
CA LEU C 30 -27.76 14.66 -13.48
C LEU C 30 -28.41 13.34 -13.87
N PRO C 31 -29.54 12.96 -13.26
CA PRO C 31 -30.18 11.69 -13.59
C PRO C 31 -30.65 11.63 -15.04
#